data_7C19
#
_entry.id   7C19
#
_cell.length_a   66.310
_cell.length_b   58.840
_cell.length_c   103.580
_cell.angle_alpha   90.000
_cell.angle_beta   93.100
_cell.angle_gamma   90.000
#
_symmetry.space_group_name_H-M   'P 1 21 1'
#
loop_
_entity.id
_entity.type
_entity.pdbx_description
1 polymer 'Sugar ABC transporter, periplasmic sugar-binding protein'
2 non-polymer 'CHLORIDE ION'
3 non-polymer 'CARBON DIOXIDE'
4 non-polymer HYPOPHOSPHITE
5 non-polymer DI(HYDROXYETHYL)ETHER
6 non-polymer '[(1S,3R,3aR,6aS)-3-(2-azanyl-6-oxidanylidene-1H-purin-9-yl)-5,5-bis(oxidanyl)-1,3,3a,4,6,6a-hexahydrocyclopenta[c]furan-1-yl]methyl [(2R,3S,4R,5R)-5-[2,4-bis(oxidanylidene)pyrimidin-1-yl]-2-(hydroxymethyl)-4-oxidanyl-oxolan-3-yl] hydrogen phosphate'
7 non-polymer 'CARBONATE ION'
8 non-polymer 1,2-ETHANEDIOL
9 non-polymer GLYCEROL
10 water water
#
_entity_poly.entity_id   1
_entity_poly.type   'polypeptide(L)'
_entity_poly.pdbx_seq_one_letter_code
;MMKPEDVIKEQCARAKVVAELWHGFTGGAPKAALENLVVEFNKAQQGRCVRPVPQGGYRDLSTKIKAAFAAGKVPTMAQA
FENNIALYLEAKALLPIESLGVKLQGVNLTFLNAVRFGGVVYGVPFNKSIQVLYYNKDLLKKHGVPVPATLEEFVAAAKK
LSRAEGGPVYWFQPDASTFAYFFFNLGGSYLKDGKLVLNSKEAVEALTLLQNGVKEGWAKPITSGAINQNLGSGPYAFSV
DTSAGYTAYLRAAKFDLGVATLPGRTKGQPGYGLVQGTNLVVFRQASKEEQAVAKDFLEFVLSPRAQAVFATATGYVPVT
EGALKDPVYQAYAAENPDYATIVRQSRYAKFEPALAEWEQIRFDILGQAIKEAILNKADPKAALDRAQKLAEDLLSSRTR
HHHHHH
;
_entity_poly.pdbx_strand_id   A,B
#
loop_
_chem_comp.id
_chem_comp.type
_chem_comp.name
_chem_comp.formula
CL non-polymer 'CHLORIDE ION' 'Cl -1'
CO2 non-polymer 'CARBON DIOXIDE' 'C O2'
CO3 non-polymer 'CARBONATE ION' 'C O3 -2'
EDO non-polymer 1,2-ETHANEDIOL 'C2 H6 O2'
FGO non-polymer '[(1S,3R,3aR,6aS)-3-(2-azanyl-6-oxidanylidene-1H-purin-9-yl)-5,5-bis(oxidanyl)-1,3,3a,4,6,6a-hexahydrocyclopenta[c]furan-1-yl]methyl [(2R,3S,4R,5R)-5-[2,4-bis(oxidanylidene)pyrimidin-1-yl]-2-(hydroxymethyl)-4-oxidanyl-oxolan-3-yl] hydrogen phosphate' 'C22 H28 N7 O13 P'
GOL non-polymer GLYCEROL 'C3 H8 O3'
PEG non-polymer DI(HYDROXYETHYL)ETHER 'C4 H10 O3'
PO2 non-polymer HYPOPHOSPHITE 'O2 P -1'
#
# COMPACT_ATOMS: atom_id res chain seq x y z
N MET A 2 -4.66 -8.69 32.33
CA MET A 2 -4.40 -8.99 30.88
C MET A 2 -5.55 -8.41 30.06
N LYS A 3 -5.23 -7.52 29.11
CA LYS A 3 -6.17 -6.84 28.18
C LYS A 3 -7.01 -7.88 27.41
N PRO A 4 -8.27 -7.57 27.00
CA PRO A 4 -9.06 -8.52 26.22
C PRO A 4 -8.28 -9.00 24.99
N GLU A 5 -7.58 -8.13 24.28
CA GLU A 5 -6.85 -8.55 23.04
C GLU A 5 -5.75 -9.58 23.42
N ASP A 6 -5.12 -9.46 24.61
CA ASP A 6 -4.10 -10.47 25.08
C ASP A 6 -4.80 -11.81 25.37
N VAL A 7 -5.96 -11.78 26.05
CA VAL A 7 -6.75 -13.03 26.27
C VAL A 7 -7.13 -13.65 24.93
N ILE A 8 -7.64 -12.87 23.96
CA ILE A 8 -8.02 -13.45 22.62
C ILE A 8 -6.80 -14.12 21.97
N LYS A 9 -5.65 -13.46 22.03
CA LYS A 9 -4.39 -14.02 21.45
C LYS A 9 -4.11 -15.40 22.08
N GLU A 10 -4.27 -15.53 23.41
CA GLU A 10 -4.02 -16.82 24.11
CA GLU A 10 -4.00 -16.82 24.10
C GLU A 10 -5.09 -17.83 23.72
N GLN A 11 -6.35 -17.38 23.56
CA GLN A 11 -7.45 -18.28 23.16
C GLN A 11 -7.12 -18.86 21.76
N CYS A 12 -6.73 -18.00 20.83
CA CYS A 12 -6.53 -18.41 19.41
C CYS A 12 -5.28 -19.30 19.33
N ALA A 13 -4.28 -19.06 20.17
CA ALA A 13 -3.03 -19.86 20.13
C ALA A 13 -3.36 -21.32 20.46
N ARG A 14 -4.31 -21.53 21.37
CA ARG A 14 -4.72 -22.85 21.90
C ARG A 14 -5.72 -23.57 20.97
N ALA A 15 -6.36 -22.85 20.04
CA ALA A 15 -7.53 -23.35 19.28
C ALA A 15 -7.05 -24.17 18.08
N LYS A 16 -7.89 -25.10 17.61
CA LYS A 16 -7.55 -25.94 16.42
C LYS A 16 -8.04 -25.28 15.13
N VAL A 17 -9.01 -24.37 15.22
CA VAL A 17 -9.55 -23.60 14.06
C VAL A 17 -9.73 -22.17 14.51
N VAL A 18 -9.25 -21.23 13.70
CA VAL A 18 -9.28 -19.77 13.94
C VAL A 18 -9.84 -19.08 12.70
N ALA A 19 -10.94 -18.35 12.86
CA ALA A 19 -11.56 -17.57 11.78
C ALA A 19 -11.18 -16.11 11.99
N GLU A 20 -10.43 -15.50 11.08
CA GLU A 20 -10.05 -14.07 11.21
C GLU A 20 -11.25 -13.17 10.87
N LEU A 21 -11.45 -12.11 11.66
CA LEU A 21 -12.48 -11.06 11.44
C LEU A 21 -11.70 -9.73 11.31
N TRP A 22 -11.59 -9.20 10.09
CA TRP A 22 -10.94 -7.89 9.87
C TRP A 22 -11.95 -6.77 10.16
N HIS A 23 -11.53 -5.81 10.95
CA HIS A 23 -12.38 -4.67 11.38
C HIS A 23 -11.67 -3.34 11.27
N GLY A 24 -12.45 -2.26 11.45
CA GLY A 24 -12.02 -0.87 11.34
C GLY A 24 -12.17 -0.10 12.64
N PHE A 25 -12.22 -0.75 13.80
CA PHE A 25 -12.25 -0.09 15.11
C PHE A 25 -10.82 0.22 15.54
N THR A 26 -10.48 1.49 15.75
CA THR A 26 -9.12 1.91 16.06
C THR A 26 -8.99 2.03 17.58
N GLY A 27 -10.11 2.06 18.31
CA GLY A 27 -10.03 2.15 19.78
C GLY A 27 -11.35 2.65 20.36
N GLY A 28 -11.28 3.05 21.63
CA GLY A 28 -12.44 3.47 22.42
C GLY A 28 -13.48 2.37 22.67
N ALA A 29 -14.75 2.75 22.95
CA ALA A 29 -15.78 1.76 23.34
C ALA A 29 -16.08 0.73 22.24
N PRO A 30 -16.16 1.07 20.91
CA PRO A 30 -16.45 0.04 19.90
C PRO A 30 -15.42 -1.12 19.90
N LYS A 31 -14.14 -0.77 19.92
CA LYS A 31 -13.02 -1.78 19.95
C LYS A 31 -13.12 -2.66 21.19
N ALA A 32 -13.34 -2.06 22.37
CA ALA A 32 -13.41 -2.83 23.63
C ALA A 32 -14.65 -3.73 23.62
N ALA A 33 -15.79 -3.23 23.12
CA ALA A 33 -17.05 -3.99 23.11
C ALA A 33 -16.93 -5.15 22.11
N LEU A 34 -16.33 -4.97 20.95
CA LEU A 34 -16.10 -6.10 20.00
C LEU A 34 -15.23 -7.17 20.68
N GLU A 35 -14.11 -6.75 21.28
CA GLU A 35 -13.15 -7.70 21.91
C GLU A 35 -13.84 -8.45 23.07
N ASN A 36 -14.66 -7.78 23.87
CA ASN A 36 -15.38 -8.49 24.95
C ASN A 36 -16.35 -9.55 24.39
N LEU A 37 -17.06 -9.23 23.30
CA LEU A 37 -18.02 -10.15 22.63
C LEU A 37 -17.21 -11.37 22.20
N VAL A 38 -16.04 -11.12 21.61
CA VAL A 38 -15.17 -12.23 21.07
C VAL A 38 -14.65 -13.15 22.20
N VAL A 39 -14.18 -12.60 23.31
CA VAL A 39 -13.68 -13.43 24.45
C VAL A 39 -14.81 -14.37 24.90
N GLU A 40 -16.01 -13.83 25.07
CA GLU A 40 -17.17 -14.65 25.56
C GLU A 40 -17.48 -15.76 24.55
N PHE A 41 -17.57 -15.43 23.27
CA PHE A 41 -17.82 -16.45 22.22
C PHE A 41 -16.74 -17.54 22.28
N ASN A 42 -15.47 -17.17 22.32
CA ASN A 42 -14.29 -18.10 22.23
C ASN A 42 -14.36 -19.03 23.46
N LYS A 43 -14.85 -18.54 24.60
CA LYS A 43 -14.86 -19.32 25.87
C LYS A 43 -15.89 -20.44 25.79
N ALA A 44 -17.00 -20.26 25.06
CA ALA A 44 -18.08 -21.26 24.93
C ALA A 44 -17.70 -22.29 23.89
N GLN A 45 -16.75 -21.98 23.03
CA GLN A 45 -16.35 -22.86 21.92
C GLN A 45 -15.31 -23.82 22.51
N GLN A 46 -15.22 -25.06 22.06
CA GLN A 46 -14.10 -25.94 22.50
C GLN A 46 -13.09 -25.98 21.34
N GLY A 47 -12.10 -25.06 21.36
CA GLY A 47 -10.98 -25.06 20.41
C GLY A 47 -11.35 -24.43 19.08
N ARG A 48 -12.44 -23.67 19.02
CA ARG A 48 -12.91 -23.03 17.76
C ARG A 48 -13.04 -21.54 18.04
N CYS A 49 -12.19 -20.70 17.46
CA CYS A 49 -12.15 -19.26 17.90
C CYS A 49 -12.23 -18.26 16.74
N VAL A 50 -12.57 -17.03 17.10
CA VAL A 50 -12.49 -15.85 16.20
C VAL A 50 -11.29 -15.01 16.65
N ARG A 51 -10.52 -14.55 15.69
CA ARG A 51 -9.38 -13.64 15.90
C ARG A 51 -9.73 -12.32 15.24
N PRO A 52 -10.09 -11.28 16.00
CA PRO A 52 -10.31 -9.97 15.38
C PRO A 52 -8.96 -9.34 15.04
N VAL A 53 -8.84 -8.73 13.85
CA VAL A 53 -7.57 -8.12 13.38
C VAL A 53 -7.86 -6.68 13.02
N PRO A 54 -7.34 -5.70 13.79
CA PRO A 54 -7.56 -4.29 13.47
C PRO A 54 -6.79 -3.94 12.20
N GLN A 55 -7.45 -3.23 11.28
CA GLN A 55 -6.85 -2.92 9.96
C GLN A 55 -6.75 -1.41 9.80
N GLY A 56 -7.02 -0.66 10.85
CA GLY A 56 -6.96 0.80 10.84
C GLY A 56 -8.38 1.30 10.88
N GLY A 57 -8.68 2.39 10.18
CA GLY A 57 -10.08 2.83 10.05
C GLY A 57 -10.81 2.00 8.99
N TYR A 58 -12.03 2.39 8.65
CA TYR A 58 -12.89 1.69 7.68
C TYR A 58 -12.32 1.81 6.27
N ARG A 59 -11.68 2.93 5.94
CA ARG A 59 -11.01 3.13 4.60
CA ARG A 59 -11.06 3.04 4.58
C ARG A 59 -9.73 2.28 4.58
N ASP A 60 -8.99 2.23 5.67
CA ASP A 60 -7.79 1.34 5.71
C ASP A 60 -8.27 -0.11 5.49
N LEU A 61 -9.37 -0.49 6.12
CA LEU A 61 -9.94 -1.87 5.98
C LEU A 61 -10.29 -2.22 4.55
N SER A 62 -10.95 -1.33 3.81
CA SER A 62 -11.35 -1.72 2.44
C SER A 62 -10.07 -1.81 1.59
N THR A 63 -9.09 -0.93 1.81
CA THR A 63 -7.76 -0.98 1.12
C THR A 63 -7.10 -2.32 1.42
N LYS A 64 -7.13 -2.74 2.68
CA LYS A 64 -6.52 -4.01 3.13
C LYS A 64 -7.24 -5.20 2.43
N ILE A 65 -8.56 -5.16 2.29
CA ILE A 65 -9.31 -6.27 1.63
C ILE A 65 -8.95 -6.27 0.15
N LYS A 66 -8.85 -5.09 -0.47
CA LYS A 66 -8.45 -5.01 -1.91
C LYS A 66 -7.09 -5.64 -2.10
N ALA A 67 -6.14 -5.36 -1.20
CA ALA A 67 -4.79 -6.00 -1.28
C ALA A 67 -4.92 -7.52 -1.14
N ALA A 68 -5.78 -8.00 -0.26
CA ALA A 68 -6.00 -9.44 0.00
C ALA A 68 -6.55 -10.10 -1.27
N PHE A 69 -7.47 -9.45 -2.00
CA PHE A 69 -7.96 -9.97 -3.29
C PHE A 69 -6.77 -10.11 -4.23
N ALA A 70 -5.98 -9.04 -4.34
CA ALA A 70 -4.77 -9.04 -5.24
C ALA A 70 -3.79 -10.14 -4.80
N ALA A 71 -3.59 -10.37 -3.49
CA ALA A 71 -2.67 -11.40 -2.97
C ALA A 71 -3.28 -12.79 -3.06
N GLY A 72 -4.61 -12.88 -3.12
CA GLY A 72 -5.34 -14.16 -3.21
C GLY A 72 -5.60 -14.83 -1.88
N LYS A 73 -5.60 -14.08 -0.77
CA LYS A 73 -5.75 -14.63 0.61
C LYS A 73 -6.68 -13.69 1.38
N VAL A 74 -7.92 -14.08 1.57
CA VAL A 74 -8.89 -13.21 2.30
C VAL A 74 -9.07 -13.80 3.70
N PRO A 75 -9.59 -12.96 4.65
CA PRO A 75 -10.02 -13.42 5.98
C PRO A 75 -11.29 -14.27 5.88
N THR A 76 -11.74 -14.94 6.94
CA THR A 76 -13.09 -15.56 6.97
C THR A 76 -14.19 -14.48 6.93
N MET A 77 -14.08 -13.48 7.82
CA MET A 77 -15.07 -12.39 7.94
C MET A 77 -14.43 -11.00 7.88
N ALA A 78 -15.22 -9.98 7.51
CA ALA A 78 -14.83 -8.57 7.62
C ALA A 78 -16.08 -7.73 7.86
N GLN A 79 -15.88 -6.56 8.44
CA GLN A 79 -16.88 -5.47 8.40
C GLN A 79 -16.96 -4.91 6.98
N ALA A 80 -18.14 -4.47 6.61
CA ALA A 80 -18.40 -3.92 5.26
C ALA A 80 -19.57 -2.94 5.29
N PHE A 81 -19.39 -1.77 4.69
CA PHE A 81 -20.59 -0.96 4.30
C PHE A 81 -21.30 -1.59 3.10
N GLU A 82 -22.55 -1.16 2.86
CA GLU A 82 -23.39 -1.65 1.73
C GLU A 82 -22.64 -1.44 0.41
N ASN A 83 -21.90 -0.33 0.22
CA ASN A 83 -21.17 -0.10 -1.05
C ASN A 83 -19.98 -1.07 -1.17
N ASN A 84 -19.33 -1.39 -0.05
CA ASN A 84 -18.21 -2.39 -0.01
C ASN A 84 -18.83 -3.74 -0.41
N ILE A 85 -20.03 -4.08 0.07
CA ILE A 85 -20.70 -5.37 -0.33
C ILE A 85 -20.93 -5.38 -1.85
N ALA A 86 -21.41 -4.28 -2.44
CA ALA A 86 -21.66 -4.18 -3.90
C ALA A 86 -20.34 -4.49 -4.60
N LEU A 87 -19.25 -3.89 -4.12
CA LEU A 87 -17.92 -4.04 -4.75
C LEU A 87 -17.48 -5.51 -4.66
N TYR A 88 -17.62 -6.13 -3.50
CA TYR A 88 -17.12 -7.51 -3.29
C TYR A 88 -17.97 -8.45 -4.13
N LEU A 89 -19.26 -8.14 -4.35
CA LEU A 89 -20.12 -8.99 -5.21
C LEU A 89 -19.69 -8.94 -6.69
N GLU A 90 -19.10 -7.83 -7.17
CA GLU A 90 -18.57 -7.74 -8.57
C GLU A 90 -17.53 -8.88 -8.77
N ALA A 91 -16.78 -9.25 -7.72
CA ALA A 91 -15.79 -10.36 -7.73
C ALA A 91 -16.41 -11.68 -7.27
N LYS A 92 -17.70 -11.73 -6.99
CA LYS A 92 -18.41 -12.96 -6.49
C LYS A 92 -17.68 -13.51 -5.26
N ALA A 93 -17.22 -12.63 -4.34
CA ALA A 93 -16.27 -13.02 -3.27
C ALA A 93 -17.01 -13.58 -2.03
N LEU A 94 -18.34 -13.25 -1.93
CA LEU A 94 -19.16 -13.34 -0.67
C LEU A 94 -20.14 -14.53 -0.67
N LEU A 95 -20.19 -15.22 0.47
CA LEU A 95 -21.14 -16.32 0.68
C LEU A 95 -22.49 -15.75 1.05
N PRO A 96 -23.59 -16.21 0.43
CA PRO A 96 -24.91 -15.86 0.95
C PRO A 96 -25.09 -16.40 2.38
N ILE A 97 -25.61 -15.54 3.25
CA ILE A 97 -25.67 -15.79 4.71
C ILE A 97 -26.61 -16.96 4.99
N GLU A 98 -27.74 -17.03 4.30
CA GLU A 98 -28.81 -17.98 4.62
C GLU A 98 -28.30 -19.37 4.20
N SER A 99 -27.28 -19.47 3.33
CA SER A 99 -26.67 -20.76 2.91
CA SER A 99 -26.69 -20.77 2.93
C SER A 99 -25.88 -21.37 4.07
N LEU A 100 -25.47 -20.57 5.05
CA LEU A 100 -24.82 -21.06 6.30
C LEU A 100 -25.90 -21.48 7.33
N GLY A 101 -27.16 -21.16 7.07
CA GLY A 101 -28.28 -21.54 7.94
C GLY A 101 -28.43 -20.52 9.06
N VAL A 102 -27.83 -19.35 8.93
CA VAL A 102 -28.01 -18.25 9.94
C VAL A 102 -29.41 -17.71 9.74
N LYS A 103 -30.25 -17.76 10.81
CA LYS A 103 -31.66 -17.32 10.83
C LYS A 103 -31.67 -15.80 11.00
N LEU A 104 -32.39 -15.08 10.13
CA LEU A 104 -32.38 -13.59 10.07
C LEU A 104 -33.74 -13.03 10.47
N GLN A 105 -34.71 -13.92 10.73
CA GLN A 105 -36.07 -13.54 11.22
C GLN A 105 -35.85 -12.66 12.45
N GLY A 106 -36.52 -11.52 12.54
CA GLY A 106 -36.31 -10.72 13.75
C GLY A 106 -35.27 -9.63 13.56
N VAL A 107 -34.38 -9.70 12.56
CA VAL A 107 -33.50 -8.53 12.23
C VAL A 107 -34.37 -7.39 11.64
N ASN A 108 -34.18 -6.16 12.15
CA ASN A 108 -34.80 -4.88 11.70
C ASN A 108 -34.79 -4.84 10.17
N LEU A 109 -35.96 -4.67 9.55
CA LEU A 109 -36.03 -4.57 8.07
C LEU A 109 -35.25 -3.31 7.58
N THR A 110 -35.07 -2.23 8.33
CA THR A 110 -34.24 -1.06 7.88
C THR A 110 -32.85 -1.63 7.52
N PHE A 111 -32.36 -2.58 8.29
CA PHE A 111 -30.98 -3.10 8.14
C PHE A 111 -30.92 -4.31 7.21
N LEU A 112 -31.91 -5.18 7.25
CA LEU A 112 -31.90 -6.40 6.42
C LEU A 112 -32.07 -6.05 4.92
N ASN A 113 -32.92 -5.07 4.60
CA ASN A 113 -33.15 -4.61 3.19
C ASN A 113 -31.79 -4.16 2.64
N ALA A 114 -30.95 -3.51 3.48
CA ALA A 114 -29.69 -2.85 3.08
C ALA A 114 -28.62 -3.90 2.70
N VAL A 115 -28.73 -5.15 3.17
CA VAL A 115 -27.70 -6.18 2.85
C VAL A 115 -28.23 -7.16 1.78
N ARG A 116 -29.40 -6.90 1.20
CA ARG A 116 -30.06 -7.81 0.21
C ARG A 116 -29.77 -7.30 -1.21
N PHE A 117 -29.06 -8.08 -2.01
CA PHE A 117 -28.62 -7.77 -3.39
C PHE A 117 -29.21 -8.83 -4.30
N GLY A 118 -30.10 -8.41 -5.22
CA GLY A 118 -30.83 -9.34 -6.11
C GLY A 118 -31.65 -10.36 -5.33
N GLY A 119 -32.19 -9.99 -4.19
CA GLY A 119 -33.07 -10.86 -3.38
C GLY A 119 -32.29 -11.74 -2.43
N VAL A 120 -30.97 -11.61 -2.39
CA VAL A 120 -30.13 -12.50 -1.53
C VAL A 120 -29.39 -11.69 -0.47
N VAL A 121 -29.46 -12.16 0.77
CA VAL A 121 -28.75 -11.47 1.88
C VAL A 121 -27.28 -11.87 1.86
N TYR A 122 -26.39 -10.89 1.79
CA TYR A 122 -24.92 -11.10 1.81
C TYR A 122 -24.20 -10.51 3.02
N GLY A 123 -24.89 -9.92 3.99
CA GLY A 123 -24.20 -9.46 5.21
C GLY A 123 -25.11 -9.60 6.41
N VAL A 124 -24.53 -9.62 7.59
CA VAL A 124 -25.30 -9.61 8.85
C VAL A 124 -25.12 -8.21 9.44
N PRO A 125 -26.19 -7.45 9.58
CA PRO A 125 -26.06 -6.17 10.32
C PRO A 125 -25.46 -6.42 11.69
N PHE A 126 -24.39 -5.69 12.04
CA PHE A 126 -23.68 -5.92 13.31
C PHE A 126 -23.64 -4.65 14.16
N ASN A 127 -22.89 -3.65 13.72
CA ASN A 127 -22.67 -2.30 14.37
C ASN A 127 -23.29 -1.21 13.52
N LYS A 128 -24.59 -1.00 13.63
CA LYS A 128 -25.36 -0.04 12.81
C LYS A 128 -25.68 1.21 13.66
N SER A 129 -25.28 2.39 13.17
CA SER A 129 -25.42 3.67 13.90
C SER A 129 -26.48 4.49 13.20
N ILE A 130 -27.06 5.43 13.91
CA ILE A 130 -27.93 6.47 13.32
C ILE A 130 -27.40 7.84 13.83
N GLN A 131 -27.56 8.88 13.03
CA GLN A 131 -27.22 10.25 13.49
C GLN A 131 -28.25 10.71 14.52
N VAL A 132 -27.76 11.44 15.51
CA VAL A 132 -28.63 12.00 16.55
C VAL A 132 -28.23 13.44 16.76
N LEU A 133 -29.08 14.14 17.52
CA LEU A 133 -28.76 15.53 17.93
C LEU A 133 -28.12 15.51 19.32
N TYR A 134 -26.82 15.72 19.41
CA TYR A 134 -26.10 15.91 20.69
C TYR A 134 -26.25 17.35 21.11
N TYR A 135 -26.51 17.62 22.37
CA TYR A 135 -26.66 19.05 22.75
C TYR A 135 -26.19 19.29 24.19
N ASN A 136 -25.99 20.58 24.49
CA ASN A 136 -25.51 21.08 25.79
C ASN A 136 -26.77 21.46 26.58
N LYS A 137 -27.21 20.58 27.49
CA LYS A 137 -28.47 20.84 28.24
C LYS A 137 -28.29 22.13 29.04
N ASP A 138 -27.12 22.33 29.62
CA ASP A 138 -26.89 23.49 30.54
C ASP A 138 -26.98 24.80 29.74
N LEU A 139 -26.38 24.84 28.56
CA LEU A 139 -26.34 26.08 27.76
C LEU A 139 -27.74 26.38 27.19
N LEU A 140 -28.53 25.38 26.79
CA LEU A 140 -29.92 25.67 26.33
C LEU A 140 -30.74 26.20 27.53
N LYS A 141 -30.62 25.57 28.70
CA LYS A 141 -31.38 25.97 29.92
C LYS A 141 -30.98 27.37 30.34
N LYS A 142 -29.69 27.70 30.26
CA LYS A 142 -29.18 29.03 30.71
C LYS A 142 -29.91 30.12 29.92
N HIS A 143 -30.19 29.92 28.63
CA HIS A 143 -30.68 30.95 27.67
C HIS A 143 -32.14 30.64 27.19
N GLY A 144 -32.76 29.62 27.80
CA GLY A 144 -34.23 29.49 27.70
C GLY A 144 -34.63 28.97 26.34
N VAL A 145 -33.74 28.21 25.73
CA VAL A 145 -33.89 27.79 24.33
C VAL A 145 -34.35 26.34 24.35
N PRO A 146 -35.58 26.02 23.83
CA PRO A 146 -36.05 24.66 23.75
C PRO A 146 -35.16 23.81 22.82
N VAL A 147 -35.15 22.51 23.03
CA VAL A 147 -34.48 21.62 22.04
C VAL A 147 -35.19 21.84 20.74
N PRO A 148 -34.51 22.11 19.62
CA PRO A 148 -35.24 22.37 18.37
C PRO A 148 -35.82 21.08 17.74
N ALA A 149 -37.09 21.18 17.30
CA ALA A 149 -37.80 20.06 16.65
C ALA A 149 -37.75 20.20 15.12
N THR A 150 -37.47 21.40 14.60
CA THR A 150 -37.51 21.61 13.15
C THR A 150 -36.21 22.26 12.70
N LEU A 151 -35.90 22.14 11.42
CA LEU A 151 -34.67 22.76 10.87
CA LEU A 151 -34.68 22.77 10.84
C LEU A 151 -34.74 24.27 11.08
N GLU A 152 -35.93 24.87 10.92
CA GLU A 152 -36.11 26.32 11.16
C GLU A 152 -35.76 26.64 12.61
N GLU A 153 -36.25 25.86 13.57
CA GLU A 153 -35.98 26.16 14.99
C GLU A 153 -34.47 25.98 15.26
N PHE A 154 -33.88 24.99 14.61
CA PHE A 154 -32.46 24.65 14.83
C PHE A 154 -31.57 25.84 14.44
N VAL A 155 -31.77 26.42 13.27
CA VAL A 155 -31.01 27.63 12.81
C VAL A 155 -31.28 28.81 13.76
N ALA A 156 -32.54 29.06 14.10
CA ALA A 156 -32.95 30.14 15.04
C ALA A 156 -32.20 29.95 16.38
N ALA A 157 -32.17 28.71 16.89
CA ALA A 157 -31.51 28.40 18.19
C ALA A 157 -30.01 28.63 18.07
N ALA A 158 -29.38 28.14 16.98
CA ALA A 158 -27.92 28.35 16.79
C ALA A 158 -27.58 29.85 16.76
N LYS A 159 -28.39 30.65 16.07
CA LYS A 159 -28.10 32.12 15.97
C LYS A 159 -28.25 32.79 17.34
N LYS A 160 -29.34 32.49 18.07
CA LYS A 160 -29.62 33.12 19.38
CA LYS A 160 -29.63 33.12 19.39
C LYS A 160 -28.47 32.79 20.34
N LEU A 161 -28.07 31.51 20.38
CA LEU A 161 -27.06 31.06 21.37
C LEU A 161 -25.67 31.60 20.99
N SER A 162 -25.31 31.61 19.71
CA SER A 162 -24.01 32.13 19.21
C SER A 162 -23.88 33.63 19.57
N ARG A 163 -24.97 34.36 19.39
CA ARG A 163 -24.99 35.79 19.78
C ARG A 163 -24.80 35.91 21.30
N ALA A 164 -25.53 35.15 22.11
CA ALA A 164 -25.44 35.24 23.59
C ALA A 164 -24.05 34.82 24.07
N GLU A 165 -23.36 33.89 23.42
CA GLU A 165 -22.11 33.29 23.96
C GLU A 165 -20.87 33.83 23.23
N GLY A 166 -21.03 34.55 22.12
CA GLY A 166 -19.93 35.27 21.46
C GLY A 166 -19.10 34.34 20.61
N GLY A 167 -19.67 33.19 20.24
CA GLY A 167 -18.96 32.19 19.44
C GLY A 167 -19.95 31.26 18.74
N PRO A 168 -19.57 30.58 17.63
CA PRO A 168 -20.47 29.67 16.93
C PRO A 168 -20.70 28.39 17.75
N VAL A 169 -21.99 28.07 18.01
CA VAL A 169 -22.39 27.01 18.96
C VAL A 169 -22.79 25.71 18.22
N TYR A 170 -23.02 25.72 16.92
CA TYR A 170 -23.29 24.49 16.13
C TYR A 170 -21.98 24.02 15.50
N TRP A 171 -21.45 22.91 16.00
CA TRP A 171 -20.13 22.38 15.57
C TRP A 171 -20.37 21.25 14.57
N PHE A 172 -19.53 21.22 13.54
CA PHE A 172 -19.74 20.23 12.48
C PHE A 172 -18.41 19.94 11.81
N GLN A 173 -18.28 18.69 11.39
CA GLN A 173 -17.25 18.26 10.43
C GLN A 173 -17.67 18.59 9.01
N PRO A 174 -16.83 19.23 8.18
CA PRO A 174 -17.23 19.53 6.81
C PRO A 174 -17.07 18.29 5.93
N ASP A 175 -18.00 17.34 6.10
CA ASP A 175 -17.86 16.00 5.43
C ASP A 175 -19.18 15.49 4.84
N ALA A 176 -19.12 14.37 4.12
CA ALA A 176 -20.29 13.84 3.39
C ALA A 176 -21.37 13.40 4.39
N SER A 177 -20.98 12.93 5.57
CA SER A 177 -21.95 12.45 6.58
C SER A 177 -22.78 13.63 7.10
N THR A 178 -22.14 14.76 7.38
CA THR A 178 -22.90 15.93 7.95
C THR A 178 -23.76 16.52 6.85
N PHE A 179 -23.19 16.62 5.66
CA PHE A 179 -23.90 17.14 4.47
C PHE A 179 -25.17 16.31 4.28
N ALA A 180 -25.10 14.95 4.42
CA ALA A 180 -26.26 14.05 4.18
C ALA A 180 -27.46 14.43 5.09
N TYR A 181 -27.22 14.80 6.34
CA TYR A 181 -28.33 15.20 7.23
C TYR A 181 -29.08 16.42 6.62
N PHE A 182 -28.37 17.46 6.26
CA PHE A 182 -29.03 18.67 5.69
C PHE A 182 -29.71 18.36 4.35
N PHE A 183 -29.01 17.65 3.48
CA PHE A 183 -29.48 17.27 2.13
C PHE A 183 -30.80 16.49 2.22
N PHE A 184 -30.83 15.40 3.00
CA PHE A 184 -32.03 14.54 3.09
C PHE A 184 -33.21 15.33 3.66
N ASN A 185 -32.96 16.19 4.67
CA ASN A 185 -34.07 16.90 5.34
C ASN A 185 -34.45 18.19 4.62
N LEU A 186 -33.74 18.58 3.54
CA LEU A 186 -34.21 19.58 2.56
C LEU A 186 -34.91 18.92 1.35
N GLY A 187 -35.15 17.61 1.38
CA GLY A 187 -35.88 16.90 0.30
C GLY A 187 -34.97 16.25 -0.71
N GLY A 188 -33.68 16.20 -0.43
CA GLY A 188 -32.70 15.71 -1.41
C GLY A 188 -32.78 14.23 -1.66
N SER A 189 -32.36 13.85 -2.87
CA SER A 189 -32.23 12.42 -3.26
C SER A 189 -31.01 12.32 -4.14
N TYR A 190 -30.12 11.37 -3.84
CA TYR A 190 -28.87 11.18 -4.62
C TYR A 190 -29.13 10.54 -5.98
N LEU A 191 -30.20 9.77 -6.12
CA LEU A 191 -30.46 9.08 -7.43
C LEU A 191 -31.69 9.70 -8.12
N LYS A 192 -31.53 10.08 -9.38
CA LYS A 192 -32.62 10.62 -10.19
C LYS A 192 -32.70 9.79 -11.46
N ASP A 193 -33.77 9.01 -11.61
CA ASP A 193 -33.97 8.12 -12.79
C ASP A 193 -32.71 7.27 -12.96
N GLY A 194 -32.17 6.74 -11.86
CA GLY A 194 -31.04 5.80 -11.84
C GLY A 194 -29.68 6.48 -11.86
N LYS A 195 -29.60 7.80 -12.05
CA LYS A 195 -28.31 8.52 -12.22
C LYS A 195 -27.90 9.14 -10.88
N LEU A 196 -26.62 9.10 -10.54
CA LEU A 196 -26.10 9.78 -9.34
C LEU A 196 -26.03 11.27 -9.63
N VAL A 197 -26.66 12.08 -8.80
CA VAL A 197 -26.63 13.57 -8.91
C VAL A 197 -26.11 14.18 -7.59
N LEU A 198 -24.99 14.91 -7.64
CA LEU A 198 -24.35 15.56 -6.47
C LEU A 198 -24.65 17.06 -6.46
N ASN A 199 -25.27 17.64 -7.51
CA ASN A 199 -25.30 19.11 -7.70
C ASN A 199 -26.74 19.57 -7.92
N SER A 200 -27.69 18.84 -7.34
CA SER A 200 -29.13 19.16 -7.41
C SER A 200 -29.40 20.40 -6.57
N LYS A 201 -30.57 21.00 -6.75
CA LYS A 201 -30.86 22.26 -6.02
C LYS A 201 -30.84 21.97 -4.51
N GLU A 202 -31.26 20.80 -4.05
CA GLU A 202 -31.24 20.46 -2.60
C GLU A 202 -29.79 20.33 -2.08
N ALA A 203 -28.90 19.78 -2.86
CA ALA A 203 -27.45 19.72 -2.50
C ALA A 203 -26.89 21.14 -2.36
N VAL A 204 -27.15 22.01 -3.33
CA VAL A 204 -26.64 23.40 -3.29
C VAL A 204 -27.26 24.07 -2.08
N GLU A 205 -28.54 23.84 -1.84
CA GLU A 205 -29.23 24.44 -0.67
C GLU A 205 -28.55 23.99 0.64
N ALA A 206 -28.25 22.70 0.74
CA ALA A 206 -27.63 22.13 1.98
C ALA A 206 -26.22 22.74 2.22
N LEU A 207 -25.35 22.75 1.22
CA LEU A 207 -23.95 23.26 1.36
C LEU A 207 -23.97 24.79 1.58
N THR A 208 -24.93 25.49 1.00
CA THR A 208 -25.08 26.95 1.17
C THR A 208 -25.48 27.25 2.62
N LEU A 209 -26.34 26.42 3.20
CA LEU A 209 -26.84 26.60 4.59
C LEU A 209 -25.64 26.52 5.52
N LEU A 210 -24.79 25.53 5.32
CA LEU A 210 -23.58 25.33 6.15
C LEU A 210 -22.61 26.50 5.94
N GLN A 211 -22.38 26.92 4.68
CA GLN A 211 -21.37 27.98 4.41
C GLN A 211 -21.87 29.32 4.98
N ASN A 212 -23.15 29.61 4.83
CA ASN A 212 -23.81 30.81 5.41
C ASN A 212 -23.71 30.74 6.96
N GLY A 213 -23.88 29.56 7.58
CA GLY A 213 -23.69 29.42 9.04
C GLY A 213 -22.28 29.80 9.50
N VAL A 214 -21.24 29.44 8.73
CA VAL A 214 -19.82 29.80 9.01
C VAL A 214 -19.70 31.33 8.89
N LYS A 215 -20.19 31.90 7.80
CA LYS A 215 -20.07 33.35 7.53
C LYS A 215 -20.82 34.14 8.62
N GLU A 216 -21.98 33.66 9.06
CA GLU A 216 -22.87 34.38 10.01
C GLU A 216 -22.44 34.16 11.47
N GLY A 217 -21.44 33.33 11.76
CA GLY A 217 -20.90 33.17 13.11
C GLY A 217 -21.69 32.19 14.00
N TRP A 218 -22.58 31.31 13.46
CA TRP A 218 -23.33 30.31 14.27
C TRP A 218 -22.86 28.86 14.02
N ALA A 219 -22.09 28.58 12.96
CA ALA A 219 -21.59 27.23 12.62
C ALA A 219 -20.06 27.24 12.67
N LYS A 220 -19.52 26.31 13.42
CA LYS A 220 -18.06 26.18 13.66
C LYS A 220 -17.53 24.93 12.98
N PRO A 221 -16.71 25.05 11.89
CA PRO A 221 -16.10 23.87 11.32
C PRO A 221 -15.06 23.25 12.25
N ILE A 222 -15.04 21.92 12.34
CA ILE A 222 -14.07 21.14 13.17
C ILE A 222 -13.15 20.39 12.22
N THR A 223 -11.88 20.78 12.20
CA THR A 223 -10.91 20.33 11.17
C THR A 223 -9.86 19.39 11.77
N SER A 224 -9.71 19.34 13.09
CA SER A 224 -8.68 18.49 13.75
C SER A 224 -9.36 17.68 14.85
N GLY A 225 -9.52 16.41 14.60
CA GLY A 225 -10.16 15.47 15.53
C GLY A 225 -11.69 15.45 15.43
N ALA A 226 -12.31 14.53 16.18
CA ALA A 226 -13.77 14.39 16.35
C ALA A 226 -14.35 15.58 17.11
N ILE A 227 -15.61 15.90 16.84
CA ILE A 227 -16.28 16.99 17.63
C ILE A 227 -16.11 16.76 19.14
N ASN A 228 -16.31 15.54 19.61
CA ASN A 228 -16.22 15.25 21.08
C ASN A 228 -14.75 15.48 21.59
N GLN A 229 -13.75 15.34 20.76
CA GLN A 229 -12.33 15.65 21.12
C GLN A 229 -12.01 17.17 21.12
N ASN A 230 -12.91 18.04 20.67
CA ASN A 230 -12.68 19.50 20.58
C ASN A 230 -13.50 20.23 21.66
N LEU A 231 -14.29 19.50 22.45
CA LEU A 231 -15.18 20.15 23.48
C LEU A 231 -14.28 20.88 24.50
N GLY A 232 -14.75 21.99 25.07
CA GLY A 232 -13.94 22.70 26.08
C GLY A 232 -13.25 23.91 25.51
N SER A 233 -13.11 23.95 24.19
CA SER A 233 -12.61 25.13 23.45
CA SER A 233 -12.62 25.07 23.36
C SER A 233 -13.79 25.91 22.88
N GLY A 234 -14.22 26.91 23.61
CA GLY A 234 -15.32 27.77 23.15
C GLY A 234 -16.66 27.12 23.41
N PRO A 235 -17.73 27.91 23.35
CA PRO A 235 -19.05 27.42 23.70
C PRO A 235 -19.60 26.42 22.68
N TYR A 236 -20.22 25.36 23.18
CA TYR A 236 -20.86 24.32 22.33
C TYR A 236 -22.34 24.18 22.69
N ALA A 237 -23.25 24.15 21.70
CA ALA A 237 -24.69 23.89 21.95
C ALA A 237 -25.15 22.61 21.28
N PHE A 238 -24.67 22.33 20.08
CA PHE A 238 -25.26 21.22 19.30
C PHE A 238 -24.24 20.63 18.36
N SER A 239 -24.40 19.34 18.07
CA SER A 239 -23.83 18.74 16.85
C SER A 239 -24.80 17.64 16.38
N VAL A 240 -24.69 17.30 15.09
CA VAL A 240 -25.32 16.13 14.46
C VAL A 240 -24.23 15.09 14.17
N ASP A 241 -24.29 13.94 14.85
CA ASP A 241 -23.15 13.02 14.93
C ASP A 241 -23.69 11.62 15.14
N THR A 242 -22.86 10.66 14.76
CA THR A 242 -23.22 9.23 14.90
C THR A 242 -23.49 8.87 16.37
N SER A 243 -24.54 8.08 16.60
CA SER A 243 -24.85 7.46 17.89
C SER A 243 -23.67 6.63 18.40
N ALA A 244 -22.77 6.15 17.52
CA ALA A 244 -21.63 5.33 17.97
C ALA A 244 -20.61 6.19 18.73
N GLY A 245 -20.76 7.53 18.73
CA GLY A 245 -19.88 8.43 19.46
C GLY A 245 -20.41 8.68 20.85
N TYR A 246 -21.51 8.03 21.25
CA TYR A 246 -22.27 8.35 22.49
C TYR A 246 -21.33 8.30 23.70
N THR A 247 -20.59 7.20 23.91
CA THR A 247 -19.69 7.08 25.10
C THR A 247 -18.56 8.09 25.10
N ALA A 248 -18.00 8.44 23.95
CA ALA A 248 -16.96 9.48 23.81
C ALA A 248 -17.54 10.84 24.23
N TYR A 249 -18.77 11.15 23.78
CA TYR A 249 -19.41 12.45 24.19
C TYR A 249 -19.54 12.45 25.71
N LEU A 250 -20.13 11.39 26.28
CA LEU A 250 -20.44 11.30 27.73
C LEU A 250 -19.17 11.51 28.56
N ARG A 251 -18.06 10.90 28.16
CA ARG A 251 -16.73 10.98 28.83
C ARG A 251 -16.07 12.35 28.64
N ALA A 252 -16.23 13.04 27.50
CA ALA A 252 -15.52 14.32 27.25
C ALA A 252 -16.29 15.50 27.87
N ALA A 253 -17.62 15.48 27.89
CA ALA A 253 -18.43 16.70 28.17
C ALA A 253 -18.32 17.04 29.66
N LYS A 254 -17.94 18.27 29.95
CA LYS A 254 -17.88 18.86 31.32
C LYS A 254 -19.27 19.41 31.72
N PHE A 255 -20.17 19.52 30.77
CA PHE A 255 -21.58 19.98 30.87
C PHE A 255 -22.50 18.75 30.82
N ASP A 256 -23.78 18.96 31.19
CA ASP A 256 -24.88 17.96 31.13
C ASP A 256 -25.23 17.69 29.67
N LEU A 257 -24.79 16.55 29.14
CA LEU A 257 -25.01 16.17 27.74
C LEU A 257 -26.45 15.75 27.53
N GLY A 258 -27.02 16.25 26.45
CA GLY A 258 -28.34 15.78 26.02
C GLY A 258 -28.26 15.00 24.72
N VAL A 259 -29.19 14.08 24.53
CA VAL A 259 -29.48 13.47 23.20
C VAL A 259 -30.94 13.60 22.79
N ALA A 260 -31.16 14.14 21.60
CA ALA A 260 -32.52 14.32 21.03
C ALA A 260 -32.58 13.64 19.66
N THR A 261 -33.83 13.39 19.25
CA THR A 261 -34.11 13.07 17.85
C THR A 261 -33.73 14.28 16.99
N LEU A 262 -33.51 14.04 15.71
CA LEU A 262 -33.10 15.11 14.77
C LEU A 262 -34.20 16.09 14.46
N PRO A 263 -33.85 17.39 14.30
CA PRO A 263 -34.79 18.34 13.70
C PRO A 263 -35.24 17.92 12.30
N GLY A 264 -36.53 18.06 12.03
CA GLY A 264 -37.13 17.64 10.76
C GLY A 264 -37.71 18.86 10.03
N ARG A 265 -38.24 18.65 8.84
CA ARG A 265 -38.96 19.74 8.10
C ARG A 265 -40.10 20.26 8.98
N THR A 266 -40.98 19.40 9.53
CA THR A 266 -42.07 19.87 10.41
C THR A 266 -42.03 19.09 11.73
N LYS A 267 -42.77 19.53 12.74
CA LYS A 267 -42.97 18.79 14.01
C LYS A 267 -43.78 17.48 13.82
N GLY A 268 -44.32 17.20 12.63
CA GLY A 268 -45.07 15.94 12.38
C GLY A 268 -44.24 14.69 12.47
N GLN A 269 -42.90 14.80 12.36
CA GLN A 269 -41.93 13.67 12.35
C GLN A 269 -40.51 14.20 12.55
N PRO A 270 -39.65 13.42 13.20
CA PRO A 270 -38.24 13.76 13.36
C PRO A 270 -37.55 13.75 11.99
N GLY A 271 -36.46 14.49 11.87
CA GLY A 271 -35.58 14.46 10.70
C GLY A 271 -35.08 13.06 10.44
N TYR A 272 -34.73 12.75 9.19
CA TYR A 272 -34.04 11.48 8.85
C TYR A 272 -32.56 11.61 9.25
N GLY A 273 -32.03 10.53 9.82
CA GLY A 273 -30.60 10.44 10.14
C GLY A 273 -29.93 9.48 9.17
N LEU A 274 -28.67 9.72 8.89
CA LEU A 274 -27.85 8.80 8.07
C LEU A 274 -27.52 7.55 8.88
N VAL A 275 -27.73 6.40 8.28
CA VAL A 275 -27.27 5.12 8.88
C VAL A 275 -25.83 4.93 8.51
N GLN A 276 -25.01 4.63 9.49
CA GLN A 276 -23.57 4.31 9.28
C GLN A 276 -23.24 3.02 10.08
N GLY A 277 -21.97 2.72 10.32
CA GLY A 277 -21.54 1.41 10.83
C GLY A 277 -21.70 0.34 9.78
N THR A 278 -21.43 -0.90 10.16
CA THR A 278 -21.09 -1.94 9.19
C THR A 278 -21.85 -3.24 9.48
N ASN A 279 -21.79 -4.10 8.47
CA ASN A 279 -22.32 -5.46 8.40
C ASN A 279 -21.14 -6.43 8.40
N LEU A 280 -21.32 -7.66 8.84
CA LEU A 280 -20.29 -8.69 8.68
C LEU A 280 -20.62 -9.51 7.46
N VAL A 281 -19.57 -9.75 6.69
CA VAL A 281 -19.61 -10.61 5.49
C VAL A 281 -18.71 -11.80 5.76
N VAL A 282 -18.95 -12.86 5.00
CA VAL A 282 -18.23 -14.17 5.07
C VAL A 282 -17.68 -14.41 3.65
N PHE A 283 -16.37 -14.60 3.55
CA PHE A 283 -15.74 -14.77 2.23
C PHE A 283 -15.83 -16.22 1.76
N ARG A 284 -16.19 -16.41 0.48
CA ARG A 284 -16.29 -17.74 -0.17
C ARG A 284 -14.99 -18.55 -0.02
N GLN A 285 -13.84 -17.88 -0.08
CA GLN A 285 -12.50 -18.54 -0.07
C GLN A 285 -12.19 -19.18 1.28
N ALA A 286 -12.89 -18.82 2.34
CA ALA A 286 -12.69 -19.48 3.66
C ALA A 286 -13.00 -20.99 3.60
N SER A 287 -12.28 -21.79 4.40
CA SER A 287 -12.47 -23.25 4.50
C SER A 287 -13.85 -23.56 5.10
N LYS A 288 -14.34 -24.79 4.87
CA LYS A 288 -15.62 -25.26 5.47
C LYS A 288 -15.56 -25.13 7.00
N GLU A 289 -14.40 -25.45 7.61
CA GLU A 289 -14.22 -25.42 9.09
C GLU A 289 -14.30 -23.95 9.59
N GLU A 290 -13.67 -23.01 8.87
CA GLU A 290 -13.72 -21.55 9.16
C GLU A 290 -15.15 -21.03 8.98
N GLN A 291 -15.84 -21.49 7.94
CA GLN A 291 -17.25 -21.07 7.66
C GLN A 291 -18.17 -21.53 8.80
N ALA A 292 -17.94 -22.73 9.35
CA ALA A 292 -18.75 -23.24 10.50
C ALA A 292 -18.52 -22.33 11.71
N VAL A 293 -17.29 -21.85 11.90
CA VAL A 293 -17.03 -20.92 13.04
C VAL A 293 -17.77 -19.60 12.78
N ALA A 294 -17.71 -19.09 11.55
CA ALA A 294 -18.46 -17.88 11.18
C ALA A 294 -19.96 -18.08 11.46
N LYS A 295 -20.53 -19.20 11.06
CA LYS A 295 -21.99 -19.49 11.32
C LYS A 295 -22.31 -19.31 12.81
N ASP A 296 -21.55 -19.96 13.67
CA ASP A 296 -21.80 -19.89 15.14
C ASP A 296 -21.59 -18.47 15.66
N PHE A 297 -20.56 -17.77 15.18
CA PHE A 297 -20.24 -16.40 15.66
C PHE A 297 -21.38 -15.48 15.25
N LEU A 298 -21.88 -15.63 14.02
CA LEU A 298 -23.00 -14.79 13.50
C LEU A 298 -24.29 -15.03 14.30
N GLU A 299 -24.63 -16.29 14.63
CA GLU A 299 -25.82 -16.54 15.47
CA GLU A 299 -25.79 -16.61 15.50
C GLU A 299 -25.58 -15.94 16.87
N PHE A 300 -24.33 -15.93 17.35
CA PHE A 300 -24.01 -15.38 18.69
C PHE A 300 -24.21 -13.87 18.64
N VAL A 301 -23.66 -13.21 17.58
CA VAL A 301 -23.75 -11.72 17.39
C VAL A 301 -25.22 -11.31 17.31
N LEU A 302 -26.08 -12.14 16.72
CA LEU A 302 -27.53 -11.83 16.60
C LEU A 302 -28.33 -12.19 17.88
N SER A 303 -27.71 -12.77 18.91
CA SER A 303 -28.43 -13.18 20.16
C SER A 303 -28.82 -11.93 20.93
N PRO A 304 -29.98 -11.97 21.62
CA PRO A 304 -30.43 -10.76 22.28
C PRO A 304 -29.40 -10.23 23.29
N ARG A 305 -28.79 -11.11 24.08
CA ARG A 305 -27.78 -10.69 25.06
C ARG A 305 -26.55 -10.03 24.39
N ALA A 306 -25.98 -10.62 23.34
CA ALA A 306 -24.82 -10.01 22.66
C ALA A 306 -25.18 -8.64 22.12
N GLN A 307 -26.37 -8.49 21.56
CA GLN A 307 -26.81 -7.18 20.99
C GLN A 307 -27.06 -6.18 22.13
N ALA A 308 -27.69 -6.61 23.20
CA ALA A 308 -27.98 -5.76 24.37
C ALA A 308 -26.66 -5.17 24.92
N VAL A 309 -25.67 -6.00 25.15
CA VAL A 309 -24.40 -5.57 25.77
C VAL A 309 -23.65 -4.66 24.79
N PHE A 310 -23.48 -5.11 23.55
CA PHE A 310 -22.74 -4.33 22.53
C PHE A 310 -23.36 -2.93 22.37
N ALA A 311 -24.69 -2.87 22.23
CA ALA A 311 -25.38 -1.60 21.94
C ALA A 311 -25.31 -0.67 23.14
N THR A 312 -25.49 -1.16 24.35
CA THR A 312 -25.48 -0.30 25.54
C THR A 312 -24.03 0.16 25.83
N ALA A 313 -23.00 -0.55 25.43
CA ALA A 313 -21.58 -0.17 25.64
C ALA A 313 -21.17 1.00 24.71
N THR A 314 -21.87 1.19 23.60
CA THR A 314 -21.38 1.99 22.43
C THR A 314 -22.36 3.08 22.00
N GLY A 315 -23.68 2.88 22.00
CA GLY A 315 -24.58 3.76 21.27
C GLY A 315 -24.97 3.25 19.89
N TYR A 316 -24.44 2.12 19.45
CA TYR A 316 -25.00 1.51 18.23
C TYR A 316 -26.48 1.12 18.45
N VAL A 317 -27.23 0.94 17.36
CA VAL A 317 -28.69 0.62 17.40
C VAL A 317 -28.81 -0.91 17.46
N PRO A 318 -29.48 -1.52 18.45
CA PRO A 318 -29.62 -2.99 18.45
C PRO A 318 -30.33 -3.42 17.18
N VAL A 319 -29.84 -4.49 16.53
CA VAL A 319 -30.31 -4.82 15.18
C VAL A 319 -31.51 -5.78 15.19
N THR A 320 -31.96 -6.29 16.35
CA THR A 320 -32.99 -7.35 16.40
C THR A 320 -34.11 -6.84 17.31
N GLU A 321 -35.28 -7.35 17.06
CA GLU A 321 -36.43 -7.11 17.95
C GLU A 321 -36.10 -7.68 19.34
N GLY A 322 -35.50 -8.87 19.39
CA GLY A 322 -35.27 -9.63 20.65
C GLY A 322 -34.33 -8.88 21.58
N ALA A 323 -33.43 -8.06 21.04
CA ALA A 323 -32.48 -7.29 21.87
C ALA A 323 -33.24 -6.35 22.82
N LEU A 324 -34.34 -5.79 22.35
CA LEU A 324 -35.09 -4.79 23.16
C LEU A 324 -35.85 -5.50 24.30
N LYS A 325 -36.09 -6.81 24.16
CA LYS A 325 -36.86 -7.62 25.13
C LYS A 325 -35.87 -8.20 26.15
N ASP A 326 -34.57 -8.02 25.96
CA ASP A 326 -33.58 -8.63 26.88
C ASP A 326 -33.47 -7.80 28.15
N PRO A 327 -33.51 -8.44 29.34
CA PRO A 327 -33.44 -7.69 30.60
C PRO A 327 -32.20 -6.79 30.79
N VAL A 328 -31.06 -7.13 30.23
CA VAL A 328 -29.84 -6.29 30.41
C VAL A 328 -29.99 -4.96 29.61
N TYR A 329 -30.57 -5.05 28.41
CA TYR A 329 -30.92 -3.84 27.64
C TYR A 329 -31.92 -3.01 28.46
N GLN A 330 -32.96 -3.67 28.99
CA GLN A 330 -34.10 -3.01 29.67
C GLN A 330 -33.58 -2.25 30.89
N ALA A 331 -32.65 -2.86 31.62
CA ALA A 331 -32.03 -2.28 32.82
C ALA A 331 -31.29 -0.99 32.45
N TYR A 332 -30.44 -1.00 31.43
CA TYR A 332 -29.72 0.19 30.90
C TYR A 332 -30.72 1.28 30.46
N ALA A 333 -31.78 0.93 29.72
CA ALA A 333 -32.72 1.91 29.12
C ALA A 333 -33.53 2.54 30.26
N ALA A 334 -33.83 1.75 31.29
CA ALA A 334 -34.63 2.27 32.43
C ALA A 334 -33.83 3.34 33.17
N GLU A 335 -32.50 3.25 33.22
CA GLU A 335 -31.66 4.23 33.97
C GLU A 335 -31.23 5.39 33.07
N ASN A 336 -31.30 5.24 31.75
CA ASN A 336 -30.69 6.24 30.84
C ASN A 336 -31.57 6.39 29.60
N PRO A 337 -32.40 7.44 29.50
CA PRO A 337 -33.36 7.59 28.40
C PRO A 337 -32.75 7.77 27.00
N ASP A 338 -31.44 7.97 26.96
CA ASP A 338 -30.72 8.24 25.69
C ASP A 338 -30.75 6.97 24.85
N TYR A 339 -30.86 5.79 25.44
CA TYR A 339 -30.88 4.56 24.61
C TYR A 339 -32.18 4.47 23.80
N ALA A 340 -33.32 4.73 24.46
CA ALA A 340 -34.63 4.72 23.78
C ALA A 340 -34.61 5.85 22.74
N THR A 341 -33.90 6.95 22.99
CA THR A 341 -33.89 8.09 22.04
C THR A 341 -33.19 7.63 20.75
N ILE A 342 -32.06 7.00 20.94
CA ILE A 342 -31.33 6.37 19.78
C ILE A 342 -32.25 5.40 19.00
N VAL A 343 -32.97 4.46 19.66
CA VAL A 343 -33.92 3.56 18.96
C VAL A 343 -35.01 4.35 18.24
N ARG A 344 -35.61 5.36 18.87
CA ARG A 344 -36.70 6.09 18.19
CA ARG A 344 -36.68 6.20 18.27
C ARG A 344 -36.11 6.76 16.95
N GLN A 345 -34.92 7.33 17.02
CA GLN A 345 -34.35 8.04 15.86
C GLN A 345 -34.09 6.96 14.77
N SER A 346 -33.79 5.73 15.16
CA SER A 346 -33.46 4.67 14.16
C SER A 346 -34.68 4.33 13.30
N ARG A 347 -35.89 4.74 13.68
CA ARG A 347 -37.13 4.55 12.87
C ARG A 347 -37.18 5.51 11.65
N TYR A 348 -36.38 6.57 11.64
CA TYR A 348 -36.37 7.68 10.63
C TYR A 348 -34.96 7.73 10.05
N ALA A 349 -34.70 6.86 9.07
CA ALA A 349 -33.35 6.37 8.79
C ALA A 349 -33.19 6.34 7.26
N LYS A 350 -32.12 6.93 6.74
CA LYS A 350 -31.81 6.89 5.29
C LYS A 350 -30.38 6.42 5.09
N PHE A 351 -30.20 5.79 3.92
CA PHE A 351 -28.90 5.30 3.45
C PHE A 351 -28.42 6.12 2.25
N GLU A 352 -27.11 6.23 2.20
CA GLU A 352 -26.40 6.72 0.99
C GLU A 352 -26.47 5.65 -0.09
N PRO A 353 -26.10 5.98 -1.33
CA PRO A 353 -26.11 4.99 -2.41
C PRO A 353 -25.20 3.78 -2.15
N ALA A 354 -25.64 2.62 -2.61
CA ALA A 354 -24.85 1.38 -2.46
C ALA A 354 -24.06 1.11 -3.75
N LEU A 355 -23.65 2.13 -4.48
CA LEU A 355 -22.81 1.96 -5.70
C LEU A 355 -21.41 1.46 -5.28
N ALA A 356 -20.78 0.57 -6.06
CA ALA A 356 -19.46 0.01 -5.69
C ALA A 356 -18.38 1.11 -5.52
N GLU A 357 -18.50 2.24 -6.24
CA GLU A 357 -17.56 3.37 -6.30
C GLU A 357 -17.89 4.40 -5.18
N TRP A 358 -18.92 4.16 -4.38
CA TRP A 358 -19.39 5.24 -3.47
C TRP A 358 -18.31 5.66 -2.47
N GLU A 359 -17.51 4.72 -1.93
CA GLU A 359 -16.50 5.10 -0.90
C GLU A 359 -15.56 6.17 -1.47
N GLN A 360 -15.03 5.97 -2.68
CA GLN A 360 -14.17 6.97 -3.35
C GLN A 360 -14.96 8.27 -3.54
N ILE A 361 -16.21 8.20 -3.97
CA ILE A 361 -16.99 9.45 -4.27
C ILE A 361 -17.21 10.21 -2.96
N ARG A 362 -17.62 9.51 -1.89
CA ARG A 362 -18.08 10.28 -0.68
C ARG A 362 -16.90 11.07 -0.08
N PHE A 363 -15.70 10.51 -0.09
CA PHE A 363 -14.48 11.09 0.52
C PHE A 363 -13.78 12.01 -0.48
N ASP A 364 -13.40 11.46 -1.64
CA ASP A 364 -12.42 12.12 -2.54
C ASP A 364 -13.12 13.16 -3.43
N ILE A 365 -14.42 13.06 -3.69
CA ILE A 365 -15.13 13.92 -4.67
C ILE A 365 -16.14 14.82 -3.94
N LEU A 366 -17.17 14.23 -3.36
CA LEU A 366 -18.17 14.98 -2.55
C LEU A 366 -17.53 15.65 -1.32
N GLY A 367 -16.80 14.92 -0.49
CA GLY A 367 -16.16 15.50 0.69
C GLY A 367 -15.18 16.61 0.34
N GLN A 368 -14.41 16.45 -0.74
CA GLN A 368 -13.51 17.57 -1.17
C GLN A 368 -14.30 18.81 -1.56
N ALA A 369 -15.42 18.67 -2.25
CA ALA A 369 -16.25 19.83 -2.66
C ALA A 369 -16.80 20.52 -1.40
N ILE A 370 -17.24 19.75 -0.41
CA ILE A 370 -17.74 20.34 0.86
C ILE A 370 -16.59 21.11 1.54
N LYS A 371 -15.38 20.56 1.56
CA LYS A 371 -14.22 21.24 2.20
C LYS A 371 -13.83 22.49 1.40
N GLU A 372 -13.91 22.42 0.06
CA GLU A 372 -13.67 23.62 -0.79
C GLU A 372 -14.61 24.76 -0.40
N ALA A 373 -15.90 24.47 -0.23
CA ALA A 373 -16.91 25.52 0.05
C ALA A 373 -16.73 26.01 1.48
N ILE A 374 -16.55 25.10 2.41
CA ILE A 374 -16.57 25.46 3.85
C ILE A 374 -15.22 26.06 4.27
N LEU A 375 -14.10 25.47 3.85
CA LEU A 375 -12.73 25.89 4.31
C LEU A 375 -12.05 26.89 3.34
N ASN A 376 -12.37 26.89 2.05
CA ASN A 376 -11.64 27.73 1.05
C ASN A 376 -12.58 28.70 0.31
N LYS A 377 -13.81 28.91 0.80
CA LYS A 377 -14.81 29.90 0.30
C LYS A 377 -15.23 29.66 -1.17
N ALA A 378 -15.06 28.44 -1.70
CA ALA A 378 -15.59 28.13 -3.05
C ALA A 378 -17.10 28.37 -3.04
N ASP A 379 -17.63 28.90 -4.15
CA ASP A 379 -19.09 28.92 -4.40
C ASP A 379 -19.71 27.52 -4.34
N PRO A 380 -20.75 27.29 -3.50
CA PRO A 380 -21.34 25.95 -3.35
C PRO A 380 -21.71 25.27 -4.68
N LYS A 381 -22.42 25.95 -5.58
CA LYS A 381 -22.84 25.36 -6.86
C LYS A 381 -21.59 25.00 -7.68
N ALA A 382 -20.63 25.91 -7.80
CA ALA A 382 -19.36 25.67 -8.56
C ALA A 382 -18.60 24.47 -7.95
N ALA A 383 -18.48 24.38 -6.63
CA ALA A 383 -17.82 23.21 -5.99
C ALA A 383 -18.57 21.90 -6.28
N LEU A 384 -19.91 21.91 -6.23
CA LEU A 384 -20.72 20.67 -6.48
C LEU A 384 -20.78 20.35 -7.97
N ASP A 385 -20.68 21.36 -8.85
CA ASP A 385 -20.62 21.10 -10.32
C ASP A 385 -19.29 20.39 -10.64
N ARG A 386 -18.21 20.79 -9.99
CA ARG A 386 -16.91 20.06 -10.20
C ARG A 386 -17.05 18.62 -9.67
N ALA A 387 -17.67 18.42 -8.51
CA ALA A 387 -17.92 17.05 -7.98
C ALA A 387 -18.75 16.21 -8.93
N GLN A 388 -19.78 16.78 -9.54
CA GLN A 388 -20.67 16.04 -10.47
C GLN A 388 -19.85 15.56 -11.67
N LYS A 389 -19.00 16.45 -12.19
CA LYS A 389 -18.10 16.20 -13.36
C LYS A 389 -17.17 15.03 -13.02
N LEU A 390 -16.52 15.09 -11.85
CA LEU A 390 -15.56 14.03 -11.41
C LEU A 390 -16.33 12.72 -11.17
N ALA A 391 -17.51 12.72 -10.52
CA ALA A 391 -18.30 11.48 -10.32
C ALA A 391 -18.73 10.88 -11.68
N GLU A 392 -19.26 11.69 -12.59
CA GLU A 392 -19.71 11.23 -13.93
C GLU A 392 -18.52 10.60 -14.66
N ASP A 393 -17.34 11.21 -14.57
CA ASP A 393 -16.12 10.65 -15.22
C ASP A 393 -15.73 9.31 -14.59
N LEU A 394 -15.85 9.18 -13.27
CA LEU A 394 -15.48 7.93 -12.56
C LEU A 394 -16.52 6.83 -12.90
N LEU A 395 -17.81 7.15 -13.03
CA LEU A 395 -18.86 6.11 -13.28
C LEU A 395 -19.00 5.83 -14.78
N SER A 396 -18.15 6.45 -15.64
CA SER A 396 -17.97 6.09 -17.07
C SER A 396 -16.47 6.05 -17.45
N MET B 2 13.41 14.15 -32.77
CA MET B 2 12.90 14.63 -31.42
C MET B 2 13.20 13.50 -30.41
N LYS B 3 14.03 13.78 -29.41
CA LYS B 3 14.43 12.81 -28.35
C LYS B 3 13.18 12.30 -27.64
N PRO B 4 13.16 11.03 -27.15
CA PRO B 4 12.04 10.56 -26.35
C PRO B 4 11.77 11.51 -25.17
N GLU B 5 12.81 12.02 -24.50
CA GLU B 5 12.62 12.88 -23.30
C GLU B 5 11.86 14.16 -23.72
N ASP B 6 12.07 14.66 -24.95
CA ASP B 6 11.37 15.87 -25.47
C ASP B 6 9.90 15.54 -25.74
N VAL B 7 9.62 14.38 -26.34
CA VAL B 7 8.23 13.88 -26.48
C VAL B 7 7.56 13.77 -25.10
N ILE B 8 8.22 13.16 -24.11
CA ILE B 8 7.58 12.99 -22.77
C ILE B 8 7.26 14.37 -22.17
N LYS B 9 8.19 15.33 -22.32
CA LYS B 9 7.96 16.72 -21.83
C LYS B 9 6.67 17.28 -22.44
N GLU B 10 6.43 17.05 -23.74
CA GLU B 10 5.22 17.57 -24.45
C GLU B 10 3.99 16.81 -23.96
N GLN B 11 4.13 15.51 -23.72
CA GLN B 11 3.01 14.67 -23.20
C GLN B 11 2.59 15.23 -21.84
N CYS B 12 3.55 15.49 -20.96
CA CYS B 12 3.28 15.89 -19.55
C CYS B 12 2.73 17.33 -19.52
N ALA B 13 3.20 18.19 -20.42
CA ALA B 13 2.75 19.60 -20.45
C ALA B 13 1.26 19.65 -20.79
N ARG B 14 0.78 18.67 -21.57
CA ARG B 14 -0.64 18.53 -21.96
C ARG B 14 -1.49 17.73 -20.96
N ALA B 15 -0.91 17.05 -19.96
CA ALA B 15 -1.64 16.06 -19.12
C ALA B 15 -2.38 16.77 -17.98
N LYS B 16 -3.41 16.12 -17.44
CA LYS B 16 -4.20 16.61 -16.26
C LYS B 16 -3.56 16.12 -14.95
N VAL B 17 -2.78 15.04 -14.99
CA VAL B 17 -2.12 14.47 -13.78
C VAL B 17 -0.79 13.89 -14.24
N VAL B 18 0.28 14.20 -13.51
CA VAL B 18 1.67 13.78 -13.86
C VAL B 18 2.29 13.17 -12.62
N ALA B 19 2.71 11.90 -12.73
CA ALA B 19 3.38 11.16 -11.63
C ALA B 19 4.87 11.11 -11.94
N GLU B 20 5.71 11.70 -11.11
CA GLU B 20 7.19 11.70 -11.31
C GLU B 20 7.80 10.35 -10.93
N LEU B 21 8.71 9.83 -11.76
CA LEU B 21 9.51 8.62 -11.53
C LEU B 21 11.00 9.04 -11.46
N TRP B 22 11.61 9.01 -10.28
CA TRP B 22 13.06 9.34 -10.17
C TRP B 22 13.87 8.09 -10.46
N HIS B 23 14.86 8.22 -11.32
CA HIS B 23 15.70 7.07 -11.72
C HIS B 23 17.20 7.41 -11.70
N GLY B 24 18.02 6.37 -11.86
CA GLY B 24 19.49 6.41 -11.83
C GLY B 24 20.14 6.05 -13.14
N PHE B 25 19.43 6.14 -14.26
CA PHE B 25 20.00 5.83 -15.60
C PHE B 25 20.63 7.11 -16.14
N THR B 26 21.93 7.06 -16.42
CA THR B 26 22.67 8.30 -16.82
C THR B 26 22.73 8.35 -18.35
N GLY B 27 22.43 7.24 -19.03
CA GLY B 27 22.39 7.19 -20.50
C GLY B 27 22.52 5.77 -21.02
N GLY B 28 22.92 5.66 -22.29
CA GLY B 28 22.93 4.42 -23.08
C GLY B 28 21.58 3.67 -23.16
N ALA B 29 21.61 2.36 -23.37
CA ALA B 29 20.35 1.61 -23.69
C ALA B 29 19.35 1.61 -22.53
N PRO B 30 19.72 1.53 -21.22
CA PRO B 30 18.73 1.57 -20.14
C PRO B 30 17.89 2.86 -20.14
N LYS B 31 18.53 4.02 -20.28
CA LYS B 31 17.84 5.33 -20.28
C LYS B 31 16.89 5.40 -21.47
N ALA B 32 17.34 4.98 -22.67
CA ALA B 32 16.51 5.08 -23.87
C ALA B 32 15.35 4.09 -23.76
N ALA B 33 15.59 2.88 -23.24
CA ALA B 33 14.53 1.86 -23.11
C ALA B 33 13.50 2.33 -22.07
N LEU B 34 13.91 2.87 -20.94
CA LEU B 34 12.92 3.42 -19.96
C LEU B 34 12.07 4.51 -20.64
N GLU B 35 12.72 5.45 -21.32
CA GLU B 35 11.99 6.61 -21.93
C GLU B 35 11.05 6.11 -23.04
N ASN B 36 11.46 5.13 -23.87
CA ASN B 36 10.52 4.60 -24.88
C ASN B 36 9.31 3.92 -24.21
N LEU B 37 9.50 3.16 -23.14
CA LEU B 37 8.40 2.47 -22.41
C LEU B 37 7.45 3.57 -21.91
N VAL B 38 8.01 4.67 -21.38
CA VAL B 38 7.15 5.77 -20.85
C VAL B 38 6.37 6.50 -21.98
N VAL B 39 6.98 6.77 -23.13
CA VAL B 39 6.25 7.39 -24.29
C VAL B 39 5.02 6.54 -24.61
N GLU B 40 5.21 5.23 -24.75
CA GLU B 40 4.14 4.28 -25.15
C GLU B 40 3.03 4.31 -24.08
N PHE B 41 3.39 4.24 -22.82
CA PHE B 41 2.41 4.29 -21.70
C PHE B 41 1.61 5.58 -21.80
N ASN B 42 2.29 6.73 -21.91
CA ASN B 42 1.65 8.08 -21.88
C ASN B 42 0.69 8.21 -23.07
N LYS B 43 1.00 7.58 -24.22
CA LYS B 43 0.18 7.70 -25.45
C LYS B 43 -1.15 6.94 -25.26
N ALA B 44 -1.17 5.84 -24.49
CA ALA B 44 -2.40 5.04 -24.26
C ALA B 44 -3.25 5.69 -23.19
N GLN B 45 -2.65 6.57 -22.39
CA GLN B 45 -3.36 7.22 -21.25
C GLN B 45 -4.06 8.43 -21.86
N GLN B 46 -5.24 8.81 -21.38
CA GLN B 46 -5.86 10.07 -21.85
C GLN B 46 -5.59 11.11 -20.77
N GLY B 47 -4.45 11.78 -20.87
CA GLY B 47 -4.08 12.95 -20.05
C GLY B 47 -3.56 12.54 -18.68
N ARG B 48 -3.12 11.29 -18.51
CA ARG B 48 -2.55 10.81 -17.22
C ARG B 48 -1.17 10.24 -17.52
N CYS B 49 -0.10 10.93 -17.09
CA CYS B 49 1.26 10.64 -17.60
C CYS B 49 2.27 10.37 -16.49
N VAL B 50 3.37 9.75 -16.88
CA VAL B 50 4.57 9.57 -16.05
C VAL B 50 5.65 10.50 -16.61
N ARG B 51 6.35 11.19 -15.74
CA ARG B 51 7.53 12.02 -16.07
C ARG B 51 8.74 11.36 -15.44
N PRO B 52 9.62 10.74 -16.21
CA PRO B 52 10.87 10.24 -15.62
C PRO B 52 11.83 11.41 -15.39
N VAL B 53 12.55 11.43 -14.27
CA VAL B 53 13.51 12.51 -13.91
C VAL B 53 14.84 11.88 -13.55
N PRO B 54 15.88 12.09 -14.37
CA PRO B 54 17.20 11.53 -14.07
C PRO B 54 17.79 12.25 -12.85
N GLN B 55 18.35 11.49 -11.91
CA GLN B 55 18.88 12.02 -10.63
C GLN B 55 20.38 11.72 -10.55
N GLY B 56 20.97 11.21 -11.63
CA GLY B 56 22.38 10.88 -11.64
C GLY B 56 22.51 9.38 -11.63
N GLY B 57 23.52 8.84 -10.95
CA GLY B 57 23.60 7.38 -10.76
C GLY B 57 22.69 6.93 -9.62
N TYR B 58 22.78 5.67 -9.24
CA TYR B 58 21.91 5.06 -8.20
C TYR B 58 22.23 5.65 -6.82
N ARG B 59 23.49 5.97 -6.56
CA ARG B 59 23.86 6.59 -5.27
C ARG B 59 23.42 8.06 -5.25
N ASP B 60 23.57 8.78 -6.36
CA ASP B 60 22.99 10.16 -6.45
C ASP B 60 21.48 10.08 -6.16
N LEU B 61 20.80 9.09 -6.70
CA LEU B 61 19.32 8.91 -6.54
C LEU B 61 18.94 8.73 -5.07
N SER B 62 19.62 7.86 -4.32
CA SER B 62 19.18 7.61 -2.93
C SER B 62 19.46 8.88 -2.10
N THR B 63 20.57 9.58 -2.38
CA THR B 63 20.94 10.88 -1.71
C THR B 63 19.82 11.89 -2.00
N LYS B 64 19.39 11.96 -3.25
CA LYS B 64 18.36 12.90 -3.70
C LYS B 64 17.02 12.55 -3.02
N ILE B 65 16.67 11.27 -2.89
CA ILE B 65 15.38 10.90 -2.23
C ILE B 65 15.46 11.33 -0.76
N LYS B 66 16.58 11.08 -0.11
CA LYS B 66 16.74 11.44 1.33
C LYS B 66 16.51 12.94 1.48
N ALA B 67 17.09 13.75 0.59
CA ALA B 67 16.94 15.22 0.64
C ALA B 67 15.47 15.58 0.44
N ALA B 68 14.76 14.86 -0.45
CA ALA B 68 13.33 15.07 -0.71
C ALA B 68 12.48 14.83 0.55
N PHE B 69 12.78 13.80 1.36
CA PHE B 69 12.07 13.60 2.65
C PHE B 69 12.31 14.85 3.52
N ALA B 70 13.57 15.27 3.63
CA ALA B 70 13.96 16.47 4.41
C ALA B 70 13.27 17.72 3.87
N ALA B 71 13.15 17.89 2.56
CA ALA B 71 12.50 19.08 1.93
C ALA B 71 10.98 18.95 1.95
N GLY B 72 10.44 17.72 2.09
CA GLY B 72 8.99 17.44 2.16
C GLY B 72 8.31 17.35 0.79
N LYS B 73 9.06 16.94 -0.25
CA LYS B 73 8.55 16.83 -1.64
C LYS B 73 9.10 15.54 -2.21
N VAL B 74 8.37 14.43 -2.15
CA VAL B 74 8.89 13.17 -2.76
C VAL B 74 8.21 13.02 -4.12
N PRO B 75 8.84 12.23 -5.04
CA PRO B 75 8.21 11.79 -6.29
C PRO B 75 7.06 10.82 -5.96
N THR B 76 6.20 10.49 -6.92
CA THR B 76 5.27 9.31 -6.83
C THR B 76 6.05 7.99 -6.77
N MET B 77 6.96 7.80 -7.73
CA MET B 77 7.75 6.54 -7.85
C MET B 77 9.26 6.82 -7.88
N ALA B 78 10.05 5.81 -7.50
CA ALA B 78 11.51 5.83 -7.71
C ALA B 78 12.03 4.42 -7.87
N GLN B 79 13.19 4.31 -8.51
CA GLN B 79 13.98 3.05 -8.45
C GLN B 79 14.58 2.92 -7.05
N ALA B 80 14.70 1.67 -6.61
CA ALA B 80 15.28 1.32 -5.30
C ALA B 80 15.91 -0.07 -5.31
N PHE B 81 17.11 -0.20 -4.79
CA PHE B 81 17.61 -1.53 -4.35
C PHE B 81 16.87 -2.00 -3.09
N GLU B 82 17.00 -3.28 -2.80
CA GLU B 82 16.40 -3.93 -1.60
C GLU B 82 16.85 -3.20 -0.34
N ASN B 83 18.12 -2.75 -0.23
CA ASN B 83 18.60 -2.06 1.00
C ASN B 83 17.98 -0.66 1.09
N ASN B 84 17.74 0.00 -0.06
CA ASN B 84 17.09 1.35 -0.10
C ASN B 84 15.65 1.10 0.41
N ILE B 85 14.97 0.01 -0.01
CA ILE B 85 13.58 -0.27 0.48
C ILE B 85 13.61 -0.42 2.01
N ALA B 86 14.59 -1.15 2.58
CA ALA B 86 14.68 -1.36 4.04
C ALA B 86 14.80 0.02 4.71
N LEU B 87 15.64 0.89 4.16
CA LEU B 87 15.84 2.25 4.75
C LEU B 87 14.53 3.03 4.67
N TYR B 88 13.83 3.00 3.54
CA TYR B 88 12.61 3.83 3.38
C TYR B 88 11.53 3.31 4.35
N LEU B 89 11.53 2.01 4.62
CA LEU B 89 10.51 1.41 5.53
C LEU B 89 10.74 1.88 6.97
N GLU B 90 11.97 2.21 7.39
CA GLU B 90 12.23 2.78 8.74
C GLU B 90 11.32 3.99 9.02
N ALA B 91 11.07 4.79 7.98
CA ALA B 91 10.25 6.01 7.97
C ALA B 91 8.81 5.70 7.59
N LYS B 92 8.48 4.44 7.28
CA LYS B 92 7.15 4.03 6.78
C LYS B 92 6.72 4.88 5.59
N ALA B 93 7.65 5.16 4.68
CA ALA B 93 7.50 6.08 3.54
C ALA B 93 6.74 5.40 2.37
N LEU B 94 6.69 4.02 2.34
CA LEU B 94 6.33 3.21 1.12
C LEU B 94 4.91 2.62 1.20
N LEU B 95 4.18 2.72 0.12
CA LEU B 95 2.85 2.08 -0.02
C LEU B 95 3.05 0.62 -0.36
N PRO B 96 2.35 -0.30 0.32
CA PRO B 96 2.34 -1.69 -0.15
C PRO B 96 1.79 -1.73 -1.58
N ILE B 97 2.46 -2.48 -2.47
CA ILE B 97 2.07 -2.54 -3.89
C ILE B 97 0.62 -3.07 -4.06
N GLU B 98 0.24 -4.08 -3.31
CA GLU B 98 -1.05 -4.77 -3.45
C GLU B 98 -2.16 -3.84 -2.94
N SER B 99 -1.85 -2.79 -2.19
CA SER B 99 -2.85 -1.77 -1.78
CA SER B 99 -2.83 -1.73 -1.78
C SER B 99 -3.33 -0.99 -3.03
N LEU B 100 -2.59 -1.05 -4.14
CA LEU B 100 -3.02 -0.45 -5.42
C LEU B 100 -3.84 -1.44 -6.25
N GLY B 101 -3.95 -2.69 -5.83
CA GLY B 101 -4.72 -3.72 -6.55
C GLY B 101 -3.88 -4.36 -7.64
N VAL B 102 -2.59 -4.09 -7.64
CA VAL B 102 -1.63 -4.64 -8.66
C VAL B 102 -1.39 -6.09 -8.35
N LYS B 103 -1.66 -7.00 -9.28
CA LYS B 103 -1.41 -8.44 -9.07
C LYS B 103 0.03 -8.77 -9.46
N LEU B 104 0.71 -9.56 -8.62
CA LEU B 104 2.14 -9.91 -8.74
C LEU B 104 2.32 -11.38 -9.07
N GLN B 105 1.24 -12.12 -9.23
CA GLN B 105 1.31 -13.57 -9.56
C GLN B 105 2.00 -13.63 -10.93
N GLY B 106 2.90 -14.57 -11.10
CA GLY B 106 3.63 -14.58 -12.38
C GLY B 106 4.93 -13.81 -12.32
N VAL B 107 5.19 -12.94 -11.35
CA VAL B 107 6.58 -12.40 -11.12
C VAL B 107 7.47 -13.52 -10.56
N ASN B 108 8.66 -13.68 -11.15
CA ASN B 108 9.75 -14.60 -10.69
C ASN B 108 9.87 -14.53 -9.17
N LEU B 109 9.74 -15.64 -8.46
CA LEU B 109 9.97 -15.64 -6.99
C LEU B 109 11.42 -15.22 -6.65
N THR B 110 12.43 -15.36 -7.52
CA THR B 110 13.81 -14.87 -7.23
C THR B 110 13.70 -13.35 -6.91
N PHE B 111 12.82 -12.66 -7.63
CA PHE B 111 12.70 -11.18 -7.51
C PHE B 111 11.61 -10.76 -6.52
N LEU B 112 10.50 -11.48 -6.48
CA LEU B 112 9.38 -11.12 -5.60
C LEU B 112 9.75 -11.34 -4.13
N ASN B 113 10.47 -12.42 -3.80
CA ASN B 113 10.88 -12.71 -2.39
C ASN B 113 11.69 -11.50 -1.92
N ALA B 114 12.51 -10.91 -2.81
CA ALA B 114 13.49 -9.86 -2.47
C ALA B 114 12.81 -8.54 -2.14
N VAL B 115 11.58 -8.29 -2.60
CA VAL B 115 10.85 -7.02 -2.27
C VAL B 115 9.82 -7.24 -1.15
N ARG B 116 9.78 -8.41 -0.51
CA ARG B 116 8.81 -8.74 0.56
C ARG B 116 9.44 -8.53 1.94
N PHE B 117 8.90 -7.61 2.73
CA PHE B 117 9.42 -7.19 4.05
C PHE B 117 8.29 -7.40 5.07
N GLY B 118 8.52 -8.30 6.05
CA GLY B 118 7.48 -8.71 7.01
C GLY B 118 6.24 -9.28 6.31
N GLY B 119 6.44 -10.00 5.21
CA GLY B 119 5.34 -10.65 4.48
C GLY B 119 4.62 -9.71 3.51
N VAL B 120 5.06 -8.46 3.38
CA VAL B 120 4.35 -7.47 2.54
C VAL B 120 5.26 -7.01 1.38
N VAL B 121 4.70 -6.96 0.18
CA VAL B 121 5.51 -6.55 -1.00
C VAL B 121 5.54 -5.03 -1.06
N TYR B 122 6.72 -4.44 -1.05
CA TYR B 122 6.89 -2.97 -1.17
C TYR B 122 7.57 -2.48 -2.46
N GLY B 123 7.91 -3.35 -3.40
CA GLY B 123 8.44 -2.85 -4.69
C GLY B 123 8.01 -3.76 -5.84
N VAL B 124 8.07 -3.22 -7.05
CA VAL B 124 7.82 -4.03 -8.26
C VAL B 124 9.18 -4.26 -8.91
N PRO B 125 9.62 -5.51 -9.00
CA PRO B 125 10.82 -5.77 -9.81
C PRO B 125 10.66 -5.17 -11.19
N PHE B 126 11.62 -4.38 -11.67
CA PHE B 126 11.47 -3.65 -12.97
C PHE B 126 12.67 -3.94 -13.87
N ASN B 127 13.86 -3.48 -13.46
CA ASN B 127 15.16 -3.61 -14.19
C ASN B 127 16.15 -4.46 -13.37
N LYS B 128 16.01 -5.78 -13.44
CA LYS B 128 16.77 -6.72 -12.61
C LYS B 128 17.85 -7.40 -13.48
N SER B 129 19.10 -7.30 -13.08
CA SER B 129 20.26 -7.79 -13.87
C SER B 129 20.79 -9.02 -13.17
N ILE B 130 21.59 -9.82 -13.89
CA ILE B 130 22.38 -10.90 -13.26
C ILE B 130 23.80 -10.79 -13.86
N GLN B 131 24.82 -11.13 -13.09
CA GLN B 131 26.17 -11.24 -13.65
C GLN B 131 26.27 -12.42 -14.64
N VAL B 132 27.04 -12.18 -15.68
CA VAL B 132 27.29 -13.20 -16.72
C VAL B 132 28.77 -13.17 -17.03
N LEU B 133 29.22 -14.23 -17.70
CA LEU B 133 30.61 -14.29 -18.23
C LEU B 133 30.64 -13.72 -19.68
N TYR B 134 31.20 -12.54 -19.85
CA TYR B 134 31.46 -11.94 -21.20
C TYR B 134 32.79 -12.47 -21.66
N TYR B 135 32.89 -12.86 -22.93
CA TYR B 135 34.21 -13.41 -23.35
C TYR B 135 34.48 -13.09 -24.82
N ASN B 136 35.75 -13.20 -25.16
CA ASN B 136 36.27 -12.90 -26.52
C ASN B 136 36.27 -14.24 -27.28
N LYS B 137 35.23 -14.49 -28.09
CA LYS B 137 35.14 -15.78 -28.81
C LYS B 137 36.38 -15.97 -29.67
N ASP B 138 36.84 -14.90 -30.32
CA ASP B 138 37.95 -15.01 -31.30
C ASP B 138 39.24 -15.46 -30.60
N LEU B 139 39.52 -14.85 -29.46
CA LEU B 139 40.77 -15.10 -28.72
C LEU B 139 40.73 -16.51 -28.11
N LEU B 140 39.60 -16.98 -27.60
CA LEU B 140 39.50 -18.39 -27.12
C LEU B 140 39.71 -19.38 -28.29
N LYS B 141 39.03 -19.13 -29.43
CA LYS B 141 39.09 -20.06 -30.61
C LYS B 141 40.53 -20.09 -31.15
N LYS B 142 41.20 -18.94 -31.17
CA LYS B 142 42.59 -18.83 -31.69
C LYS B 142 43.48 -19.83 -30.97
N HIS B 143 43.29 -19.98 -29.65
CA HIS B 143 44.21 -20.73 -28.75
C HIS B 143 43.52 -22.05 -28.21
N GLY B 144 42.34 -22.35 -28.76
CA GLY B 144 41.72 -23.69 -28.62
C GLY B 144 41.24 -23.88 -27.22
N VAL B 145 40.89 -22.76 -26.58
CA VAL B 145 40.55 -22.76 -25.13
C VAL B 145 39.03 -22.82 -25.02
N PRO B 146 38.46 -23.90 -24.41
CA PRO B 146 37.01 -24.01 -24.24
C PRO B 146 36.52 -22.90 -23.30
N VAL B 147 35.26 -22.60 -23.39
CA VAL B 147 34.67 -21.62 -22.43
C VAL B 147 34.78 -22.30 -21.08
N PRO B 148 35.33 -21.67 -20.02
CA PRO B 148 35.44 -22.38 -18.74
C PRO B 148 34.10 -22.55 -18.00
N ALA B 149 33.87 -23.75 -17.48
CA ALA B 149 32.65 -24.13 -16.74
C ALA B 149 32.91 -24.09 -15.24
N THR B 150 34.16 -24.15 -14.81
CA THR B 150 34.50 -24.21 -13.39
C THR B 150 35.47 -23.09 -13.07
N LEU B 151 35.50 -22.71 -11.80
CA LEU B 151 36.45 -21.67 -11.32
C LEU B 151 37.89 -22.14 -11.58
N GLU B 152 38.13 -23.44 -11.40
CA GLU B 152 39.46 -24.02 -11.68
C GLU B 152 39.79 -23.79 -13.17
N GLU B 153 38.85 -24.11 -14.07
CA GLU B 153 39.12 -23.98 -15.51
C GLU B 153 39.33 -22.50 -15.85
N PHE B 154 38.59 -21.61 -15.20
CA PHE B 154 38.61 -20.17 -15.48
C PHE B 154 40.00 -19.62 -15.22
N VAL B 155 40.57 -19.90 -14.06
CA VAL B 155 41.94 -19.45 -13.70
C VAL B 155 42.95 -20.06 -14.68
N ALA B 156 42.83 -21.35 -14.97
CA ALA B 156 43.72 -22.06 -15.91
C ALA B 156 43.66 -21.37 -17.28
N ALA B 157 42.46 -21.06 -17.77
CA ALA B 157 42.26 -20.37 -19.07
C ALA B 157 42.89 -18.97 -19.03
N ALA B 158 42.67 -18.21 -17.97
CA ALA B 158 43.25 -16.84 -17.87
C ALA B 158 44.78 -16.90 -17.90
N LYS B 159 45.37 -17.85 -17.17
CA LYS B 159 46.86 -17.98 -17.14
C LYS B 159 47.39 -18.35 -18.54
N LYS B 160 46.74 -19.32 -19.21
CA LYS B 160 47.25 -19.85 -20.51
C LYS B 160 47.20 -18.69 -21.51
N LEU B 161 46.07 -17.98 -21.56
CA LEU B 161 45.80 -16.91 -22.56
C LEU B 161 46.68 -15.68 -22.28
N SER B 162 46.90 -15.31 -21.01
CA SER B 162 47.76 -14.16 -20.63
C SER B 162 49.21 -14.45 -21.07
N ARG B 163 49.63 -15.67 -20.88
CA ARG B 163 50.99 -16.11 -21.34
C ARG B 163 51.04 -15.98 -22.86
N ALA B 164 50.06 -16.53 -23.58
CA ALA B 164 50.07 -16.54 -25.07
C ALA B 164 50.03 -15.11 -25.61
N GLU B 165 49.34 -14.17 -24.95
CA GLU B 165 49.05 -12.85 -25.55
C GLU B 165 49.91 -11.76 -24.90
N GLY B 166 50.65 -12.05 -23.82
CA GLY B 166 51.66 -11.11 -23.28
C GLY B 166 51.01 -9.99 -22.49
N GLY B 167 49.82 -10.24 -21.95
CA GLY B 167 49.14 -9.29 -21.05
C GLY B 167 48.00 -9.97 -20.30
N PRO B 168 47.52 -9.41 -19.16
CA PRO B 168 46.44 -10.00 -18.38
C PRO B 168 45.08 -9.91 -19.10
N VAL B 169 44.42 -11.06 -19.30
CA VAL B 169 43.23 -11.23 -20.18
C VAL B 169 41.93 -11.24 -19.37
N TYR B 170 41.95 -11.42 -18.05
CA TYR B 170 40.73 -11.31 -17.22
C TYR B 170 40.67 -9.91 -16.65
N TRP B 171 39.72 -9.10 -17.09
CA TRP B 171 39.53 -7.69 -16.72
C TRP B 171 38.44 -7.59 -15.65
N PHE B 172 38.68 -6.75 -14.67
CA PHE B 172 37.74 -6.63 -13.53
C PHE B 172 37.86 -5.24 -12.96
N GLN B 173 36.74 -4.74 -12.45
CA GLN B 173 36.68 -3.58 -11.55
C GLN B 173 36.95 -4.01 -10.10
N PRO B 174 37.89 -3.37 -9.38
CA PRO B 174 38.16 -3.77 -8.00
C PRO B 174 37.06 -3.25 -7.09
N ASP B 175 35.90 -3.91 -7.12
CA ASP B 175 34.69 -3.41 -6.41
C ASP B 175 33.87 -4.53 -5.73
N ALA B 176 32.87 -4.14 -4.91
CA ALA B 176 32.06 -5.11 -4.14
C ALA B 176 31.30 -6.08 -5.06
N SER B 177 30.87 -5.63 -6.24
CA SER B 177 30.09 -6.49 -7.15
C SER B 177 30.97 -7.62 -7.67
N THR B 178 32.17 -7.32 -8.09
CA THR B 178 33.08 -8.34 -8.66
C THR B 178 33.52 -9.30 -7.53
N PHE B 179 33.82 -8.72 -6.40
CA PHE B 179 34.21 -9.52 -5.19
C PHE B 179 33.06 -10.52 -4.88
N ALA B 180 31.78 -10.12 -4.98
CA ALA B 180 30.62 -10.97 -4.61
C ALA B 180 30.61 -12.26 -5.47
N TYR B 181 30.97 -12.18 -6.75
CA TYR B 181 31.01 -13.41 -7.59
C TYR B 181 32.02 -14.39 -7.00
N PHE B 182 33.25 -13.98 -6.74
CA PHE B 182 34.28 -14.91 -6.21
C PHE B 182 33.88 -15.41 -4.81
N PHE B 183 33.44 -14.50 -3.93
CA PHE B 183 33.03 -14.81 -2.55
C PHE B 183 31.92 -15.88 -2.51
N PHE B 184 30.82 -15.67 -3.24
CA PHE B 184 29.68 -16.61 -3.27
C PHE B 184 30.12 -17.98 -3.79
N ASN B 185 30.94 -18.02 -4.84
CA ASN B 185 31.27 -19.32 -5.49
C ASN B 185 32.48 -19.99 -4.77
N LEU B 186 33.09 -19.34 -3.78
CA LEU B 186 33.99 -20.02 -2.83
C LEU B 186 33.25 -20.44 -1.54
N GLY B 187 31.91 -20.34 -1.48
CA GLY B 187 31.09 -20.82 -0.35
C GLY B 187 30.78 -19.72 0.66
N GLY B 188 31.10 -18.48 0.33
CA GLY B 188 30.90 -17.37 1.27
C GLY B 188 29.46 -17.06 1.57
N SER B 189 29.25 -16.52 2.77
CA SER B 189 27.94 -15.97 3.21
C SER B 189 28.21 -14.71 4.01
N TYR B 190 27.51 -13.62 3.74
CA TYR B 190 27.73 -12.32 4.43
C TYR B 190 27.14 -12.36 5.85
N LEU B 191 26.12 -13.16 6.11
CA LEU B 191 25.48 -13.19 7.47
C LEU B 191 25.79 -14.51 8.16
N LYS B 192 26.25 -14.44 9.40
CA LYS B 192 26.55 -15.62 10.24
C LYS B 192 25.77 -15.43 11.53
N ASP B 193 24.74 -16.24 11.77
CA ASP B 193 23.88 -16.17 12.98
C ASP B 193 23.42 -14.73 13.16
N GLY B 194 22.96 -14.11 12.07
CA GLY B 194 22.39 -12.75 12.07
C GLY B 194 23.43 -11.65 11.92
N LYS B 195 24.73 -11.93 12.03
CA LYS B 195 25.78 -10.86 12.09
C LYS B 195 26.43 -10.67 10.70
N LEU B 196 26.59 -9.42 10.26
CA LEU B 196 27.35 -9.09 9.02
C LEU B 196 28.84 -9.38 9.27
N VAL B 197 29.43 -10.22 8.42
CA VAL B 197 30.87 -10.62 8.49
C VAL B 197 31.53 -10.36 7.12
N LEU B 198 32.52 -9.46 7.08
CA LEU B 198 33.22 -9.05 5.83
C LEU B 198 34.59 -9.75 5.74
N ASN B 199 35.05 -10.44 6.81
CA ASN B 199 36.45 -10.90 6.92
C ASN B 199 36.54 -12.40 7.20
N SER B 200 35.55 -13.14 6.74
CA SER B 200 35.52 -14.62 6.87
C SER B 200 36.61 -15.24 5.99
N LYS B 201 36.85 -16.53 6.17
CA LYS B 201 37.96 -17.14 5.40
C LYS B 201 37.63 -17.08 3.89
N GLU B 202 36.36 -17.17 3.53
CA GLU B 202 35.95 -17.17 2.10
C GLU B 202 36.13 -15.77 1.50
N ALA B 203 35.90 -14.72 2.25
CA ALA B 203 36.22 -13.34 1.82
C ALA B 203 37.71 -13.20 1.58
N VAL B 204 38.53 -13.63 2.55
CA VAL B 204 40.00 -13.51 2.40
C VAL B 204 40.43 -14.32 1.19
N GLU B 205 39.85 -15.51 1.02
CA GLU B 205 40.17 -16.36 -0.15
C GLU B 205 39.85 -15.65 -1.46
N ALA B 206 38.71 -15.00 -1.53
CA ALA B 206 38.23 -14.33 -2.78
C ALA B 206 39.14 -13.14 -3.11
N LEU B 207 39.43 -12.25 -2.14
CA LEU B 207 40.30 -11.06 -2.37
C LEU B 207 41.74 -11.49 -2.69
N THR B 208 42.22 -12.57 -2.07
CA THR B 208 43.56 -13.12 -2.31
C THR B 208 43.66 -13.67 -3.76
N LEU B 209 42.57 -14.29 -4.26
CA LEU B 209 42.54 -14.88 -5.63
C LEU B 209 42.74 -13.74 -6.63
N LEU B 210 42.00 -12.65 -6.44
CA LEU B 210 42.07 -11.47 -7.33
C LEU B 210 43.47 -10.83 -7.20
N GLN B 211 43.99 -10.68 -5.98
CA GLN B 211 45.28 -9.96 -5.79
C GLN B 211 46.43 -10.79 -6.40
N ASN B 212 46.36 -12.10 -6.21
CA ASN B 212 47.35 -13.04 -6.81
C ASN B 212 47.23 -12.96 -8.35
N GLY B 213 46.00 -12.85 -8.89
CA GLY B 213 45.81 -12.69 -10.35
C GLY B 213 46.51 -11.45 -10.90
N VAL B 214 46.49 -10.32 -10.18
CA VAL B 214 47.19 -9.07 -10.57
C VAL B 214 48.70 -9.36 -10.54
N LYS B 215 49.18 -9.91 -9.45
CA LYS B 215 50.64 -10.13 -9.23
C LYS B 215 51.18 -11.09 -10.28
N GLU B 216 50.43 -12.13 -10.64
CA GLU B 216 50.85 -13.19 -11.58
C GLU B 216 50.63 -12.79 -13.05
N GLY B 217 50.03 -11.65 -13.35
CA GLY B 217 49.90 -11.18 -14.74
C GLY B 217 48.71 -11.77 -15.51
N TRP B 218 47.67 -12.35 -14.86
CA TRP B 218 46.47 -12.84 -15.59
C TRP B 218 45.20 -11.98 -15.35
N ALA B 219 45.20 -11.11 -14.34
CA ALA B 219 44.05 -10.27 -13.96
C ALA B 219 44.42 -8.79 -14.07
N LYS B 220 43.63 -8.03 -14.80
CA LYS B 220 43.84 -6.61 -15.11
C LYS B 220 42.82 -5.74 -14.40
N PRO B 221 43.22 -4.94 -13.38
CA PRO B 221 42.29 -4.02 -12.75
C PRO B 221 41.92 -2.90 -13.71
N ILE B 222 40.65 -2.55 -13.76
CA ILE B 222 40.14 -1.44 -14.60
C ILE B 222 39.71 -0.32 -13.66
N THR B 223 40.40 0.82 -13.73
CA THR B 223 40.26 1.90 -12.72
C THR B 223 39.62 3.16 -13.31
N SER B 224 39.54 3.28 -14.64
CA SER B 224 38.92 4.46 -15.30
C SER B 224 37.90 3.96 -16.32
N GLY B 225 36.63 4.21 -16.04
CA GLY B 225 35.51 3.78 -16.91
C GLY B 225 35.09 2.32 -16.68
N ALA B 226 34.04 1.92 -17.37
CA ALA B 226 33.50 0.54 -17.43
C ALA B 226 34.44 -0.38 -18.22
N ILE B 227 34.45 -1.65 -17.89
CA ILE B 227 35.27 -2.63 -18.68
C ILE B 227 35.03 -2.47 -20.18
N ASN B 228 33.77 -2.33 -20.60
CA ASN B 228 33.44 -2.23 -22.06
C ASN B 228 34.01 -0.90 -22.64
N GLN B 229 34.21 0.13 -21.84
CA GLN B 229 34.85 1.40 -22.29
C GLN B 229 36.39 1.31 -22.38
N ASN B 230 37.01 0.22 -21.93
CA ASN B 230 38.47 0.03 -21.92
C ASN B 230 38.88 -0.97 -23.01
N LEU B 231 37.94 -1.58 -23.70
CA LEU B 231 38.25 -2.63 -24.73
C LEU B 231 39.10 -1.97 -25.84
N GLY B 232 40.02 -2.72 -26.45
CA GLY B 232 40.85 -2.15 -27.53
C GLY B 232 42.26 -1.84 -27.02
N SER B 233 42.39 -1.72 -25.71
CA SER B 233 43.65 -1.52 -24.97
CA SER B 233 43.71 -1.54 -25.05
C SER B 233 44.19 -2.86 -24.47
N GLY B 234 44.97 -3.57 -25.23
CA GLY B 234 45.53 -4.82 -24.71
C GLY B 234 44.56 -5.96 -24.91
N PRO B 235 45.08 -7.21 -24.80
CA PRO B 235 44.27 -8.37 -25.06
C PRO B 235 43.22 -8.59 -23.98
N TYR B 236 42.01 -8.93 -24.42
CA TYR B 236 40.88 -9.20 -23.50
C TYR B 236 40.33 -10.59 -23.77
N ALA B 237 40.12 -11.43 -22.74
CA ALA B 237 39.48 -12.76 -22.88
C ALA B 237 38.16 -12.82 -22.13
N PHE B 238 38.10 -12.26 -20.92
CA PHE B 238 36.92 -12.53 -20.07
C PHE B 238 36.64 -11.38 -19.13
N SER B 239 35.39 -11.15 -18.80
CA SER B 239 35.02 -10.40 -17.60
C SER B 239 33.71 -11.00 -17.04
N VAL B 240 33.47 -10.73 -15.76
CA VAL B 240 32.25 -11.03 -15.02
C VAL B 240 31.58 -9.70 -14.73
N ASP B 241 30.41 -9.46 -15.36
CA ASP B 241 29.84 -8.13 -15.42
C ASP B 241 28.31 -8.26 -15.61
N THR B 242 27.61 -7.22 -15.16
CA THR B 242 26.15 -7.19 -15.20
C THR B 242 25.62 -7.38 -16.64
N SER B 243 24.58 -8.18 -16.77
CA SER B 243 23.82 -8.40 -18.04
C SER B 243 23.27 -7.08 -18.56
N ALA B 244 23.10 -6.06 -17.68
CA ALA B 244 22.61 -4.74 -18.15
C ALA B 244 23.66 -4.03 -19.02
N GLY B 245 24.89 -4.51 -19.08
CA GLY B 245 25.91 -3.90 -19.95
C GLY B 245 25.97 -4.56 -21.32
N TYR B 246 25.06 -5.46 -21.63
CA TYR B 246 25.12 -6.31 -22.86
C TYR B 246 25.23 -5.43 -24.13
N THR B 247 24.37 -4.41 -24.30
CA THR B 247 24.40 -3.54 -25.52
C THR B 247 25.68 -2.73 -25.59
N ALA B 248 26.21 -2.27 -24.47
CA ALA B 248 27.48 -1.51 -24.38
C ALA B 248 28.64 -2.42 -24.85
N TYR B 249 28.69 -3.65 -24.37
CA TYR B 249 29.74 -4.61 -24.80
C TYR B 249 29.61 -4.82 -26.32
N LEU B 250 28.40 -5.10 -26.82
CA LEU B 250 28.13 -5.42 -28.24
C LEU B 250 28.62 -4.30 -29.15
N ARG B 251 28.36 -3.05 -28.77
CA ARG B 251 28.77 -1.82 -29.51
C ARG B 251 30.27 -1.50 -29.38
N ALA B 252 30.96 -1.86 -28.30
CA ALA B 252 32.38 -1.52 -28.14
C ALA B 252 33.29 -2.58 -28.82
N ALA B 253 32.90 -3.85 -28.77
CA ALA B 253 33.82 -4.99 -29.07
C ALA B 253 34.15 -5.02 -30.56
N LYS B 254 35.44 -5.01 -30.88
CA LYS B 254 35.94 -5.15 -32.28
C LYS B 254 36.05 -6.63 -32.67
N PHE B 255 35.93 -7.50 -31.70
CA PHE B 255 35.99 -8.99 -31.73
C PHE B 255 34.57 -9.56 -31.62
N ASP B 256 34.43 -10.85 -31.87
CA ASP B 256 33.16 -11.62 -31.73
C ASP B 256 32.86 -11.85 -30.25
N LEU B 257 31.90 -11.09 -29.71
CA LEU B 257 31.58 -11.18 -28.27
C LEU B 257 30.80 -12.46 -27.96
N GLY B 258 31.15 -13.09 -26.87
CA GLY B 258 30.42 -14.25 -26.33
C GLY B 258 29.82 -13.95 -24.99
N VAL B 259 28.72 -14.64 -24.69
CA VAL B 259 28.09 -14.66 -23.36
C VAL B 259 27.87 -16.07 -22.87
N ALA B 260 28.37 -16.36 -21.68
CA ALA B 260 28.25 -17.70 -21.07
C ALA B 260 27.71 -17.55 -19.65
N THR B 261 27.14 -18.66 -19.18
CA THR B 261 26.83 -18.81 -17.76
C THR B 261 28.16 -18.77 -16.99
N LEU B 262 28.07 -18.45 -15.70
CA LEU B 262 29.24 -18.27 -14.83
C LEU B 262 29.92 -19.59 -14.52
N PRO B 263 31.28 -19.60 -14.48
CA PRO B 263 32.00 -20.72 -13.92
C PRO B 263 31.59 -21.00 -12.46
N GLY B 264 31.38 -22.26 -12.13
CA GLY B 264 30.98 -22.63 -10.77
C GLY B 264 32.01 -23.50 -10.09
N ARG B 265 31.73 -23.97 -8.90
CA ARG B 265 32.64 -24.94 -8.21
C ARG B 265 32.81 -26.21 -9.05
N THR B 266 31.72 -26.84 -9.52
CA THR B 266 31.78 -28.07 -10.35
C THR B 266 30.95 -27.85 -11.60
N LYS B 267 31.07 -28.76 -12.58
CA LYS B 267 30.21 -28.72 -13.80
C LYS B 267 28.74 -29.13 -13.49
N GLY B 268 28.44 -29.53 -12.26
CA GLY B 268 27.07 -29.94 -11.85
C GLY B 268 26.08 -28.78 -11.91
N GLN B 269 26.55 -27.53 -11.90
CA GLN B 269 25.73 -26.29 -11.83
C GLN B 269 26.60 -25.05 -12.12
N PRO B 270 26.04 -24.06 -12.83
CA PRO B 270 26.71 -22.78 -13.08
C PRO B 270 27.02 -22.10 -11.74
N GLY B 271 28.02 -21.22 -11.71
CA GLY B 271 28.26 -20.30 -10.59
C GLY B 271 27.03 -19.47 -10.31
N TYR B 272 26.89 -18.99 -9.06
CA TYR B 272 25.88 -17.97 -8.70
C TYR B 272 26.35 -16.59 -9.19
N GLY B 273 25.42 -15.84 -9.72
CA GLY B 273 25.64 -14.46 -10.15
C GLY B 273 24.99 -13.50 -9.16
N LEU B 274 25.55 -12.33 -8.98
CA LEU B 274 24.92 -11.30 -8.14
C LEU B 274 23.75 -10.67 -8.91
N VAL B 275 22.61 -10.59 -8.28
CA VAL B 275 21.46 -9.80 -8.82
C VAL B 275 21.67 -8.34 -8.53
N GLN B 276 21.55 -7.52 -9.54
CA GLN B 276 21.64 -6.04 -9.35
C GLN B 276 20.46 -5.40 -10.14
N GLY B 277 20.49 -4.08 -10.38
CA GLY B 277 19.33 -3.34 -10.89
C GLY B 277 18.29 -3.14 -9.80
N THR B 278 17.12 -2.60 -10.16
CA THR B 278 16.24 -1.97 -9.15
C THR B 278 14.78 -2.40 -9.33
N ASN B 279 14.01 -2.05 -8.31
CA ASN B 279 12.58 -2.24 -8.13
C ASN B 279 11.93 -0.85 -8.17
N LEU B 280 10.68 -0.75 -8.57
CA LEU B 280 9.93 0.51 -8.43
C LEU B 280 9.14 0.50 -7.14
N VAL B 281 9.22 1.60 -6.41
CA VAL B 281 8.46 1.81 -5.15
C VAL B 281 7.51 2.97 -5.42
N VAL B 282 6.49 3.09 -4.57
CA VAL B 282 5.44 4.11 -4.64
C VAL B 282 5.43 4.76 -3.25
N PHE B 283 5.59 6.07 -3.21
CA PHE B 283 5.69 6.78 -1.90
C PHE B 283 4.28 7.07 -1.37
N ARG B 284 4.08 6.79 -0.08
CA ARG B 284 2.81 7.07 0.64
C ARG B 284 2.35 8.52 0.46
N GLN B 285 3.29 9.46 0.41
CA GLN B 285 2.98 10.92 0.37
C GLN B 285 2.31 11.32 -0.95
N ALA B 286 2.44 10.53 -2.01
CA ALA B 286 1.83 10.85 -3.32
C ALA B 286 0.30 10.98 -3.20
N SER B 287 -0.32 11.82 -4.02
CA SER B 287 -1.80 12.01 -4.05
C SER B 287 -2.49 10.73 -4.57
N LYS B 288 -3.77 10.57 -4.23
CA LYS B 288 -4.63 9.45 -4.73
C LYS B 288 -4.61 9.43 -6.26
N GLU B 289 -4.64 10.60 -6.91
CA GLU B 289 -4.67 10.72 -8.41
C GLU B 289 -3.32 10.22 -8.98
N GLU B 290 -2.20 10.61 -8.36
CA GLU B 290 -0.82 10.16 -8.72
C GLU B 290 -0.68 8.64 -8.50
N GLN B 291 -1.26 8.14 -7.39
CA GLN B 291 -1.20 6.70 -7.03
C GLN B 291 -1.94 5.88 -8.10
N ALA B 292 -3.06 6.38 -8.60
CA ALA B 292 -3.82 5.69 -9.66
C ALA B 292 -2.98 5.62 -10.95
N VAL B 293 -2.24 6.69 -11.27
CA VAL B 293 -1.29 6.64 -12.43
C VAL B 293 -0.22 5.57 -12.17
N ALA B 294 0.35 5.54 -10.99
CA ALA B 294 1.34 4.49 -10.59
C ALA B 294 0.71 3.11 -10.79
N LYS B 295 -0.52 2.87 -10.34
CA LYS B 295 -1.16 1.52 -10.51
C LYS B 295 -1.13 1.14 -12.00
N ASP B 296 -1.62 2.02 -12.88
CA ASP B 296 -1.66 1.68 -14.33
C ASP B 296 -0.24 1.50 -14.89
N PHE B 297 0.72 2.34 -14.50
CA PHE B 297 2.09 2.26 -15.03
C PHE B 297 2.72 0.94 -14.57
N LEU B 298 2.51 0.56 -13.33
CA LEU B 298 3.03 -0.75 -12.80
C LEU B 298 2.42 -1.96 -13.52
N GLU B 299 1.11 -1.97 -13.80
CA GLU B 299 0.48 -3.03 -14.60
C GLU B 299 1.09 -3.03 -16.00
N PHE B 300 1.41 -1.85 -16.54
CA PHE B 300 1.98 -1.76 -17.91
C PHE B 300 3.40 -2.35 -17.88
N VAL B 301 4.21 -1.94 -16.88
CA VAL B 301 5.62 -2.41 -16.70
C VAL B 301 5.63 -3.95 -16.57
N LEU B 302 4.61 -4.52 -15.93
CA LEU B 302 4.52 -6.00 -15.73
C LEU B 302 3.89 -6.75 -16.93
N SER B 303 3.47 -6.05 -17.99
CA SER B 303 2.80 -6.71 -19.15
C SER B 303 3.87 -7.44 -19.95
N PRO B 304 3.51 -8.55 -20.59
CA PRO B 304 4.52 -9.30 -21.30
C PRO B 304 5.24 -8.45 -22.37
N ARG B 305 4.50 -7.66 -23.16
CA ARG B 305 5.13 -6.84 -24.21
C ARG B 305 6.11 -5.81 -23.63
N ALA B 306 5.75 -5.07 -22.56
CA ALA B 306 6.67 -4.07 -22.02
C ALA B 306 7.93 -4.76 -21.51
N GLN B 307 7.80 -5.92 -20.88
CA GLN B 307 8.98 -6.65 -20.36
C GLN B 307 9.81 -7.21 -21.54
N ALA B 308 9.17 -7.75 -22.56
CA ALA B 308 9.91 -8.29 -23.75
C ALA B 308 10.77 -7.17 -24.38
N VAL B 309 10.18 -5.99 -24.61
CA VAL B 309 10.88 -4.90 -25.34
C VAL B 309 12.03 -4.38 -24.43
N PHE B 310 11.71 -4.09 -23.18
CA PHE B 310 12.72 -3.53 -22.24
C PHE B 310 13.92 -4.50 -22.11
N ALA B 311 13.67 -5.78 -21.92
CA ALA B 311 14.72 -6.78 -21.66
C ALA B 311 15.56 -6.98 -22.91
N THR B 312 14.95 -7.06 -24.07
CA THR B 312 15.74 -7.29 -25.33
C THR B 312 16.54 -6.03 -25.72
N ALA B 313 16.14 -4.83 -25.32
CA ALA B 313 16.83 -3.55 -25.57
C ALA B 313 18.11 -3.43 -24.73
N THR B 314 18.18 -4.13 -23.60
CA THR B 314 19.13 -3.82 -22.51
C THR B 314 19.98 -5.01 -22.06
N GLY B 315 19.45 -6.26 -21.98
CA GLY B 315 20.14 -7.33 -21.25
C GLY B 315 19.63 -7.52 -19.85
N TYR B 316 18.73 -6.66 -19.35
CA TYR B 316 18.04 -7.01 -18.10
C TYR B 316 17.21 -8.33 -18.23
N VAL B 317 16.95 -8.98 -17.11
CA VAL B 317 16.28 -10.31 -17.04
C VAL B 317 14.76 -10.05 -17.03
N PRO B 318 13.97 -10.60 -17.95
CA PRO B 318 12.51 -10.39 -17.88
C PRO B 318 11.99 -10.89 -16.54
N VAL B 319 11.17 -10.10 -15.87
CA VAL B 319 10.79 -10.40 -14.48
C VAL B 319 9.54 -11.33 -14.38
N THR B 320 8.83 -11.61 -15.48
CA THR B 320 7.57 -12.36 -15.45
C THR B 320 7.72 -13.61 -16.30
N GLU B 321 6.92 -14.59 -15.93
CA GLU B 321 6.79 -15.80 -16.76
C GLU B 321 6.23 -15.43 -18.15
N GLY B 322 5.27 -14.52 -18.21
CA GLY B 322 4.54 -14.24 -19.46
C GLY B 322 5.43 -13.52 -20.48
N ALA B 323 6.50 -12.84 -20.03
CA ALA B 323 7.43 -12.15 -20.95
C ALA B 323 8.08 -13.17 -21.87
N LEU B 324 8.35 -14.36 -21.37
CA LEU B 324 9.10 -15.37 -22.19
C LEU B 324 8.15 -16.01 -23.24
N LYS B 325 6.84 -15.88 -23.04
CA LYS B 325 5.79 -16.43 -23.94
C LYS B 325 5.43 -15.34 -24.97
N ASP B 326 5.95 -14.11 -24.83
CA ASP B 326 5.59 -13.03 -25.78
C ASP B 326 6.31 -13.23 -27.11
N PRO B 327 5.62 -13.12 -28.26
CA PRO B 327 6.27 -13.31 -29.57
C PRO B 327 7.43 -12.35 -29.88
N VAL B 328 7.45 -11.13 -29.37
CA VAL B 328 8.58 -10.18 -29.64
C VAL B 328 9.85 -10.68 -28.92
N TYR B 329 9.72 -11.18 -27.69
CA TYR B 329 10.82 -11.79 -26.95
C TYR B 329 11.31 -13.02 -27.73
N GLN B 330 10.36 -13.85 -28.18
CA GLN B 330 10.65 -15.15 -28.85
C GLN B 330 11.44 -14.88 -30.13
N ALA B 331 11.06 -13.85 -30.86
CA ALA B 331 11.72 -13.48 -32.13
C ALA B 331 13.17 -13.05 -31.85
N TYR B 332 13.42 -12.19 -30.88
CA TYR B 332 14.79 -11.78 -30.44
C TYR B 332 15.63 -13.01 -30.03
N ALA B 333 15.06 -13.91 -29.22
CA ALA B 333 15.77 -15.05 -28.59
C ALA B 333 16.12 -16.04 -29.70
N ALA B 334 15.20 -16.20 -30.66
CA ALA B 334 15.48 -17.10 -31.80
C ALA B 334 16.68 -16.61 -32.64
N GLU B 335 16.92 -15.30 -32.72
CA GLU B 335 18.02 -14.74 -33.56
C GLU B 335 19.32 -14.61 -32.77
N ASN B 336 19.26 -14.68 -31.45
CA ASN B 336 20.41 -14.27 -30.60
C ASN B 336 20.39 -15.11 -29.33
N PRO B 337 21.19 -16.19 -29.21
CA PRO B 337 21.11 -17.08 -28.05
C PRO B 337 21.53 -16.45 -26.72
N ASP B 338 22.10 -15.26 -26.77
CA ASP B 338 22.60 -14.59 -25.53
C ASP B 338 21.41 -14.27 -24.62
N TYR B 339 20.21 -14.07 -25.16
CA TYR B 339 19.05 -13.78 -24.28
C TYR B 339 18.70 -14.97 -23.40
N ALA B 340 18.65 -16.17 -23.98
CA ALA B 340 18.34 -17.40 -23.25
C ALA B 340 19.48 -17.64 -22.26
N THR B 341 20.74 -17.25 -22.60
CA THR B 341 21.88 -17.47 -21.68
C THR B 341 21.68 -16.62 -20.43
N ILE B 342 21.30 -15.37 -20.63
CA ILE B 342 21.00 -14.45 -19.47
C ILE B 342 19.87 -15.07 -18.61
N VAL B 343 18.75 -15.54 -19.21
CA VAL B 343 17.67 -16.19 -18.42
C VAL B 343 18.19 -17.41 -17.69
N ARG B 344 18.97 -18.30 -18.32
CA ARG B 344 19.45 -19.50 -17.62
CA ARG B 344 19.55 -19.51 -17.70
C ARG B 344 20.29 -19.07 -16.43
N GLN B 345 21.15 -18.07 -16.60
CA GLN B 345 22.06 -17.65 -15.51
C GLN B 345 21.13 -17.07 -14.40
N SER B 346 19.99 -16.49 -14.77
CA SER B 346 19.10 -15.86 -13.75
C SER B 346 18.54 -16.90 -12.80
N ARG B 347 18.59 -18.18 -13.11
CA ARG B 347 18.12 -19.29 -12.24
C ARG B 347 19.10 -19.53 -11.08
N TYR B 348 20.35 -19.06 -11.16
CA TYR B 348 21.45 -19.29 -10.18
C TYR B 348 21.93 -17.93 -9.66
N ALA B 349 21.19 -17.41 -8.67
CA ALA B 349 21.11 -15.95 -8.46
C ALA B 349 21.25 -15.72 -6.96
N LYS B 350 22.11 -14.78 -6.55
CA LYS B 350 22.25 -14.42 -5.12
C LYS B 350 22.21 -12.91 -4.94
N PHE B 351 21.72 -12.54 -3.76
CA PHE B 351 21.57 -11.13 -3.32
C PHE B 351 22.52 -10.83 -2.18
N GLU B 352 22.98 -9.59 -2.17
CA GLU B 352 23.72 -9.00 -1.03
C GLU B 352 22.74 -8.73 0.11
N PRO B 353 23.24 -8.41 1.30
CA PRO B 353 22.34 -8.09 2.42
C PRO B 353 21.38 -6.92 2.16
N ALA B 354 20.16 -7.02 2.69
CA ALA B 354 19.16 -5.95 2.57
C ALA B 354 19.17 -5.04 3.80
N LEU B 355 20.29 -4.93 4.50
CA LEU B 355 20.44 -3.99 5.65
C LEU B 355 20.33 -2.54 5.15
N ALA B 356 19.68 -1.65 5.90
CA ALA B 356 19.51 -0.25 5.50
C ALA B 356 20.85 0.49 5.28
N GLU B 357 21.92 0.09 5.94
CA GLU B 357 23.27 0.70 5.86
C GLU B 357 24.08 0.07 4.70
N TRP B 358 23.51 -0.88 3.96
CA TRP B 358 24.38 -1.66 3.05
C TRP B 358 25.01 -0.77 1.96
N GLU B 359 24.27 0.21 1.42
CA GLU B 359 24.82 1.05 0.33
C GLU B 359 26.13 1.71 0.77
N GLN B 360 26.16 2.32 1.96
CA GLN B 360 27.38 2.92 2.55
C GLN B 360 28.46 1.82 2.72
N ILE B 361 28.10 0.67 3.25
CA ILE B 361 29.11 -0.41 3.53
C ILE B 361 29.69 -0.88 2.20
N ARG B 362 28.86 -1.14 1.20
CA ARG B 362 29.39 -1.84 -0.03
C ARG B 362 30.43 -0.94 -0.71
N PHE B 363 30.20 0.38 -0.77
CA PHE B 363 31.05 1.35 -1.51
C PHE B 363 32.21 1.80 -0.60
N ASP B 364 31.86 2.38 0.55
CA ASP B 364 32.80 3.14 1.37
C ASP B 364 33.63 2.24 2.26
N ILE B 365 33.19 1.02 2.58
CA ILE B 365 33.91 0.16 3.57
C ILE B 365 34.45 -1.08 2.84
N LEU B 366 33.58 -1.93 2.35
CA LEU B 366 34.01 -3.12 1.57
C LEU B 366 34.76 -2.74 0.27
N GLY B 367 34.19 -1.89 -0.58
CA GLY B 367 34.86 -1.50 -1.84
C GLY B 367 36.22 -0.86 -1.57
N GLN B 368 36.35 -0.03 -0.52
CA GLN B 368 37.67 0.57 -0.20
C GLN B 368 38.70 -0.50 0.17
N ALA B 369 38.31 -1.51 0.94
CA ALA B 369 39.22 -2.58 1.35
C ALA B 369 39.69 -3.34 0.09
N ILE B 370 38.78 -3.60 -0.84
CA ILE B 370 39.12 -4.29 -2.11
C ILE B 370 40.12 -3.43 -2.88
N LYS B 371 39.90 -2.10 -2.95
CA LYS B 371 40.84 -1.19 -3.68
C LYS B 371 42.19 -1.15 -2.96
N GLU B 372 42.18 -1.12 -1.65
CA GLU B 372 43.47 -1.14 -0.88
C GLU B 372 44.27 -2.40 -1.25
N ALA B 373 43.65 -3.57 -1.29
CA ALA B 373 44.37 -4.84 -1.62
C ALA B 373 44.82 -4.83 -3.07
N ILE B 374 43.94 -4.45 -3.98
CA ILE B 374 44.22 -4.64 -5.42
C ILE B 374 45.10 -3.50 -5.95
N LEU B 375 44.87 -2.24 -5.52
CA LEU B 375 45.57 -1.05 -6.07
C LEU B 375 46.77 -0.61 -5.19
N ASN B 376 46.78 -0.92 -3.90
CA ASN B 376 47.80 -0.38 -2.96
C ASN B 376 48.52 -1.51 -2.21
N LYS B 377 48.43 -2.75 -2.68
CA LYS B 377 49.15 -3.96 -2.18
C LYS B 377 48.87 -4.27 -0.69
N ALA B 378 47.76 -3.77 -0.13
CA ALA B 378 47.39 -4.15 1.25
C ALA B 378 47.24 -5.67 1.33
N ASP B 379 47.68 -6.25 2.43
CA ASP B 379 47.36 -7.66 2.81
C ASP B 379 45.85 -7.90 2.82
N PRO B 380 45.33 -8.90 2.06
CA PRO B 380 43.88 -9.12 1.98
C PRO B 380 43.19 -9.24 3.35
N LYS B 381 43.73 -10.07 4.26
CA LYS B 381 43.13 -10.26 5.60
C LYS B 381 43.15 -8.91 6.35
N ALA B 382 44.29 -8.23 6.39
CA ALA B 382 44.42 -6.92 7.09
C ALA B 382 43.41 -5.89 6.53
N ALA B 383 43.31 -5.77 5.21
CA ALA B 383 42.32 -4.85 4.59
C ALA B 383 40.88 -5.23 5.00
N LEU B 384 40.51 -6.52 4.97
CA LEU B 384 39.12 -6.95 5.31
C LEU B 384 38.88 -6.88 6.82
N ASP B 385 39.91 -7.06 7.64
CA ASP B 385 39.76 -6.87 9.12
C ASP B 385 39.48 -5.38 9.41
N ARG B 386 40.13 -4.47 8.71
CA ARG B 386 39.78 -3.02 8.85
C ARG B 386 38.31 -2.79 8.42
N ALA B 387 37.88 -3.36 7.29
CA ALA B 387 36.48 -3.22 6.82
C ALA B 387 35.50 -3.74 7.88
N GLN B 388 35.81 -4.86 8.52
CA GLN B 388 34.90 -5.51 9.51
C GLN B 388 34.74 -4.57 10.68
N LYS B 389 35.85 -3.99 11.13
CA LYS B 389 35.90 -3.04 12.26
C LYS B 389 35.02 -1.82 11.93
N LEU B 390 35.20 -1.23 10.75
CA LEU B 390 34.43 -0.03 10.34
C LEU B 390 32.94 -0.43 10.19
N ALA B 391 32.58 -1.57 9.54
CA ALA B 391 31.16 -2.01 9.49
C ALA B 391 30.57 -2.23 10.90
N GLU B 392 31.25 -2.96 11.78
CA GLU B 392 30.79 -3.21 13.17
C GLU B 392 30.56 -1.87 13.88
N ASP B 393 31.45 -0.89 13.69
CA ASP B 393 31.31 0.46 14.29
C ASP B 393 30.03 1.14 13.77
N LEU B 394 29.80 1.07 12.46
CA LEU B 394 28.64 1.71 11.82
C LEU B 394 27.34 1.03 12.30
N LEU B 395 27.32 -0.30 12.48
CA LEU B 395 26.09 -1.03 12.88
C LEU B 395 25.95 -1.07 14.41
N SER B 396 26.82 -0.43 15.20
CA SER B 396 26.83 -0.56 16.68
C SER B 396 26.22 0.68 17.35
N SER B 397 26.02 0.61 18.68
CA SER B 397 25.56 1.72 19.53
C SER B 397 26.69 2.74 19.68
CL CL C . -38.94 14.41 8.43
C CO2 D . -16.77 10.67 11.96
O1 CO2 D . -17.06 9.64 12.46
O2 CO2 D . -16.51 11.55 11.24
P PO2 E . -13.61 13.18 7.08
O1 PO2 E . -13.25 14.82 6.85
O2 PO2 E . -14.60 12.42 5.96
C1 PEG F . -10.52 11.38 14.55
O1 PEG F . -11.27 10.83 15.63
C2 PEG F . -11.29 12.37 13.73
O2 PEG F . -12.60 11.88 13.47
C3 PEG F . -13.37 12.75 12.63
C4 PEG F . -13.86 12.02 11.41
O4 PEG F . -12.89 11.88 10.38
C10 FGO G . -18.16 6.79 10.05
C11 FGO G . -17.91 6.67 7.82
C12 FGO G . -17.86 5.42 5.74
C13 FGO G . -18.83 5.11 4.74
C14 FGO G . -19.79 6.35 6.22
C15 FGO G . -18.34 4.25 3.67
C16 FGO G . -16.19 4.17 4.69
C17 FGO G . -18.05 8.16 8.08
C18 FGO G . -18.10 8.25 9.59
C21 FGO G . -16.83 8.88 7.58
O12 FGO G . -19.54 3.19 12.93
P FGO G . -19.75 4.66 12.87
O11 FGO G . -21.21 5.19 13.08
O FGO G . -18.80 5.39 13.97
C FGO G . -17.40 5.17 14.14
C3 FGO G . -17.11 4.27 15.33
C4 FGO G . -15.82 3.48 15.14
O3 FGO G . -14.78 4.31 14.55
O2 FGO G . -16.95 5.15 16.46
C2 FGO G . -17.04 6.50 16.04
N FGO G . -16.18 7.40 16.85
C8 FGO G . -14.93 7.03 17.22
C7 FGO G . -14.18 7.93 17.98
C6 FGO G . -14.70 9.18 18.38
O5 FGO G . -14.08 10.05 19.09
N1 FGO G . -15.94 9.51 18.02
C5 FGO G . -16.67 8.69 17.28
O4 FGO G . -17.79 9.16 17.01
C1 FGO G . -16.69 6.43 14.56
O1 FGO G . -17.21 7.63 13.98
O6 FGO G . -19.26 5.19 11.42
C9 FGO G . -19.17 6.59 11.15
C19 FGO G . -16.83 8.89 10.03
C20 FGO G . -15.94 9.10 8.77
O9 FGO G . -14.77 8.23 8.63
O10 FGO G . -15.39 10.41 8.83
O7 FGO G . -18.62 6.06 8.92
N2 FGO G . -18.53 6.18 6.63
N3 FGO G . -20.01 5.74 5.05
N5 FGO G . -16.58 4.97 5.71
N6 FGO G . -14.89 3.72 4.67
N4 FGO G . -17.06 3.83 3.72
O8 FGO G . -19.09 3.97 2.71
CL CL H . 23.56 9.27 -24.03
C CO2 I . 46.56 -18.69 -9.07
O1 CO2 I . 46.76 -19.86 -9.08
O2 CO2 I . 46.55 -17.53 -9.26
C CO3 J . 53.32 -11.64 -26.90
O1 CO3 J . 52.82 -10.55 -27.30
O2 CO3 J . 54.26 -11.63 -26.04
O3 CO3 J . 52.90 -12.75 -27.38
C1 EDO K . 2.42 -16.41 -18.24
O1 EDO K . 1.81 -17.49 -17.59
C2 EDO K . 1.73 -16.06 -19.49
O2 EDO K . 0.79 -15.02 -19.32
C1 GOL L . 28.91 -23.13 -5.10
O1 GOL L . 29.06 -21.97 -4.27
C2 GOL L . 28.58 -22.74 -6.51
O2 GOL L . 29.77 -22.52 -7.28
C3 GOL L . 27.68 -23.77 -7.17
O3 GOL L . 27.35 -23.45 -8.51
C10 FGO M . 25.40 -1.48 -10.57
C11 FGO M . 25.46 -1.09 -8.33
C12 FGO M . 24.39 -0.67 -6.20
C13 FGO M . 23.89 -1.49 -5.14
C14 FGO M . 24.74 -2.77 -6.66
C15 FGO M . 23.26 -0.78 -4.02
C16 FGO M . 23.67 1.26 -5.12
C17 FGO M . 26.85 -1.64 -8.61
C18 FGO M . 26.84 -1.78 -10.15
C21 FGO M . 27.89 -0.63 -8.22
O12 FGO M . 21.37 -2.05 -13.17
P FGO M . 22.73 -2.58 -13.14
O11 FGO M . 22.88 -4.10 -13.40
O FGO M . 23.60 -1.84 -14.34
C FGO M . 23.77 -0.43 -14.53
C3 FGO M . 22.94 -0.02 -15.74
C4 FGO M . 22.43 1.40 -15.63
O3 FGO M . 23.53 2.24 -15.22
O2 FGO M . 23.85 -0.11 -16.83
C2 FGO M . 25.17 -0.50 -16.42
N FGO M . 26.23 0.09 -17.32
C8 FGO M . 26.22 1.40 -17.70
C7 FGO M . 27.23 1.85 -18.57
C6 FGO M . 28.24 0.98 -19.08
O5 FGO M . 29.17 1.31 -19.88
N1 FGO M . 28.21 -0.28 -18.72
C5 FGO M . 27.28 -0.74 -17.87
O4 FGO M . 27.46 -1.94 -17.63
C1 FGO M . 25.19 -0.12 -14.96
O1 FGO M . 26.21 -0.92 -14.34
O6 FGO M . 23.43 -2.15 -11.76
C9 FGO M . 24.84 -2.43 -11.55
C19 FGO M . 27.75 -0.78 -10.74
C20 FGO M . 28.29 0.04 -9.51
O9 FGO M . 27.85 1.39 -9.46
O10 FGO M . 29.70 0.06 -9.60
O7 FGO M . 24.68 -1.67 -9.36
N2 FGO M . 24.88 -1.52 -7.10
N3 FGO M . 24.16 -2.79 -5.45
N5 FGO M . 24.30 0.69 -6.17
N6 FGO M . 23.58 2.61 -5.11
N4 FGO M . 23.19 0.54 -4.07
O8 FGO M . 22.82 -1.42 -3.05
#